data_3S46
#
_entry.id   3S46
#
_cell.length_a   119.973
_cell.length_b   119.973
_cell.length_c   118.099
_cell.angle_alpha   90.000
_cell.angle_beta   90.000
_cell.angle_gamma   120.000
#
_symmetry.space_group_name_H-M   'P 31 2 1'
#
loop_
_entity.id
_entity.type
_entity.pdbx_description
1 polymer 'Alanine racemase'
2 non-polymer 'BENZOIC ACID'
3 water water
#
_entity_poly.entity_id   1
_entity_poly.type   'polypeptide(L)'
_entity_poly.pdbx_seq_one_letter_code
;MKASPHRPTKALIHLGAIRQNIQQMGAHIPQGTLKLAVV(LLP)ANAYGHGAVAVAKAIQDDVDGFCVSNIDEAIELRQA
GLSKPILILGVSEIEAVALAKEYDFTLTVAGLEWIQALLDKEVDLTGLTVHL(KCX)IDSGMGRIGFREASEVEQAQDLL
QQHGVCVEGIFTHFATADEESDDYFNAQLERFKTILASMKEVPELVHASNSATTLWHVETIFNAVRMGDAMYGLNPSGAV
LDLPYDLIPALTLESALVHVKTVPAGACMGYGATYQADSEQVIATVPIGYADGWTRDMQNFSVLVDGQACPIVGRVSMDQ
ITIRLPKLYPLGTKVTLIGSNGDKEITATQVATYRVTINYEVVCLLSDRIPREYY
;
_entity_poly.pdbx_strand_id   A,B
#
# COMPACT_ATOMS: atom_id res chain seq x y z
N MET A 1 -1.82 7.83 -3.22
CA MET A 1 -1.09 7.85 -4.51
C MET A 1 -2.10 7.97 -5.65
N LYS A 2 -1.74 8.75 -6.66
CA LYS A 2 -2.61 8.90 -7.80
C LYS A 2 -2.12 8.03 -8.94
N ALA A 3 -3.08 7.43 -9.62
CA ALA A 3 -2.79 6.59 -10.78
C ALA A 3 -1.86 7.33 -11.73
N SER A 4 -0.81 6.63 -12.17
CA SER A 4 0.12 7.21 -13.13
C SER A 4 0.05 6.53 -14.52
N PRO A 5 -0.91 6.94 -15.39
CA PRO A 5 -1.03 6.24 -16.68
C PRO A 5 0.11 6.53 -17.63
N HIS A 6 0.90 7.59 -17.40
CA HIS A 6 1.99 7.90 -18.32
C HIS A 6 3.27 7.15 -17.96
N ARG A 7 3.18 6.20 -17.01
CA ARG A 7 4.33 5.35 -16.67
C ARG A 7 3.96 3.95 -17.14
N PRO A 8 4.95 3.14 -17.60
CA PRO A 8 4.46 1.85 -18.16
C PRO A 8 4.11 0.72 -17.13
N THR A 9 4.04 1.03 -15.85
CA THR A 9 3.67 0.05 -14.83
C THR A 9 2.11 -0.02 -14.68
N LYS A 10 1.54 -1.22 -14.77
CA LYS A 10 0.08 -1.39 -14.77
C LYS A 10 -0.31 -2.75 -14.21
N ALA A 11 -1.52 -2.81 -13.69
CA ALA A 11 -2.10 -4.05 -13.25
C ALA A 11 -3.23 -4.36 -14.20
N LEU A 12 -3.15 -5.55 -14.84
CA LEU A 12 -4.20 -6.03 -15.77
C LEU A 12 -5.14 -6.95 -14.98
N ILE A 13 -6.43 -6.66 -15.05
CA ILE A 13 -7.43 -7.37 -14.29
C ILE A 13 -8.29 -8.04 -15.32
N HIS A 14 -8.26 -9.38 -15.33
CA HIS A 14 -9.08 -10.10 -16.29
CA HIS A 14 -9.06 -10.20 -16.29
C HIS A 14 -10.43 -10.44 -15.67
N LEU A 15 -11.43 -9.63 -16.04
CA LEU A 15 -12.75 -9.78 -15.47
C LEU A 15 -13.38 -11.14 -15.86
N GLY A 16 -13.10 -11.63 -17.07
CA GLY A 16 -13.51 -12.99 -17.50
C GLY A 16 -12.98 -14.08 -16.55
N ALA A 17 -11.74 -13.92 -16.03
CA ALA A 17 -11.21 -14.88 -15.04
C ALA A 17 -12.11 -14.90 -13.79
N ILE A 18 -12.45 -13.71 -13.29
CA ILE A 18 -13.32 -13.57 -12.12
C ILE A 18 -14.69 -14.23 -12.38
N ARG A 19 -15.32 -13.92 -13.54
CA ARG A 19 -16.55 -14.59 -13.95
C ARG A 19 -16.47 -16.11 -13.97
N GLN A 20 -15.41 -16.64 -14.57
CA GLN A 20 -15.20 -18.08 -14.62
C GLN A 20 -15.03 -18.70 -13.23
N ASN A 21 -14.33 -18.00 -12.33
CA ASN A 21 -14.09 -18.49 -10.96
C ASN A 21 -15.40 -18.58 -10.14
N ILE A 22 -16.26 -17.57 -10.31
CA ILE A 22 -17.57 -17.59 -9.67
C ILE A 22 -18.43 -18.75 -10.23
N GLN A 23 -18.42 -18.90 -11.55
CA GLN A 23 -19.14 -19.99 -12.21
C GLN A 23 -18.61 -21.35 -11.70
N GLN A 24 -17.27 -21.47 -11.63
CA GLN A 24 -16.64 -22.68 -11.15
C GLN A 24 -17.10 -23.01 -9.69
N MET A 25 -17.11 -22.02 -8.79
CA MET A 25 -17.64 -22.22 -7.43
C MET A 25 -19.10 -22.60 -7.40
N GLY A 26 -19.90 -21.93 -8.22
CA GLY A 26 -21.31 -22.26 -8.38
C GLY A 26 -21.54 -23.70 -8.79
N ALA A 27 -20.59 -24.26 -9.55
CA ALA A 27 -20.74 -25.63 -10.08
C ALA A 27 -20.42 -26.65 -9.01
N HIS A 28 -19.74 -26.21 -7.97
CA HIS A 28 -19.29 -27.14 -6.96
C HIS A 28 -19.97 -26.92 -5.62
N ILE A 29 -21.08 -26.17 -5.61
CA ILE A 29 -21.91 -26.00 -4.39
C ILE A 29 -23.36 -26.29 -4.76
N PRO A 30 -24.25 -26.56 -3.77
CA PRO A 30 -25.66 -26.83 -4.14
C PRO A 30 -26.26 -25.72 -5.01
N GLN A 31 -27.07 -26.11 -5.97
CA GLN A 31 -27.65 -25.16 -6.93
C GLN A 31 -28.42 -23.98 -6.32
N GLY A 32 -28.99 -24.19 -5.14
CA GLY A 32 -29.77 -23.13 -4.47
C GLY A 32 -28.96 -22.12 -3.66
N THR A 33 -27.66 -22.39 -3.45
CA THR A 33 -26.81 -21.51 -2.62
C THR A 33 -26.64 -20.10 -3.19
N LEU A 34 -26.87 -19.08 -2.35
CA LEU A 34 -26.60 -17.69 -2.69
C LEU A 34 -25.10 -17.39 -2.67
N LYS A 35 -24.68 -16.55 -3.60
CA LYS A 35 -23.25 -16.24 -3.69
C LYS A 35 -23.04 -14.77 -3.46
N LEU A 36 -22.23 -14.45 -2.44
CA LEU A 36 -21.95 -13.05 -2.11
C LEU A 36 -20.48 -12.74 -2.46
N ALA A 37 -20.29 -11.72 -3.29
CA ALA A 37 -18.97 -11.35 -3.76
C ALA A 37 -18.36 -10.42 -2.70
N VAL A 38 -17.21 -10.84 -2.16
CA VAL A 38 -16.48 -10.03 -1.15
C VAL A 38 -15.53 -9.08 -1.90
N VAL A 39 -15.86 -7.79 -1.86
CA VAL A 39 -15.12 -6.80 -2.65
C VAL A 39 -14.56 -5.70 -1.72
N ALA A 41 -11.71 -3.62 0.58
CA ALA A 41 -10.34 -3.24 0.28
C ALA A 41 -10.20 -3.10 -1.23
N ASN A 42 -11.18 -2.45 -1.85
CA ASN A 42 -11.16 -2.20 -3.27
C ASN A 42 -11.06 -3.50 -4.06
N ALA A 43 -11.94 -4.46 -3.74
CA ALA A 43 -11.84 -5.82 -4.29
C ALA A 43 -10.43 -6.43 -4.17
N TYR A 44 -9.86 -6.40 -2.95
CA TYR A 44 -8.52 -6.94 -2.67
C TYR A 44 -7.53 -6.31 -3.67
N GLY A 45 -7.66 -5.00 -3.89
CA GLY A 45 -6.77 -4.29 -4.83
C GLY A 45 -7.07 -4.48 -6.31
N HIS A 46 -8.14 -5.22 -6.64
CA HIS A 46 -8.52 -5.45 -8.05
C HIS A 46 -9.45 -4.34 -8.63
N GLY A 47 -10.05 -3.50 -7.80
CA GLY A 47 -10.96 -2.41 -8.27
C GLY A 47 -12.42 -2.76 -7.95
N ALA A 48 -12.92 -2.34 -6.79
CA ALA A 48 -14.25 -2.78 -6.30
C ALA A 48 -15.35 -2.40 -7.31
N VAL A 49 -15.31 -1.16 -7.82
CA VAL A 49 -16.40 -0.73 -8.73
C VAL A 49 -16.37 -1.54 -10.01
N ALA A 50 -15.20 -1.67 -10.63
CA ALA A 50 -15.15 -2.35 -11.93
C ALA A 50 -15.47 -3.84 -11.80
N VAL A 51 -14.99 -4.45 -10.71
CA VAL A 51 -15.25 -5.87 -10.48
C VAL A 51 -16.75 -6.06 -10.21
N ALA A 52 -17.33 -5.27 -9.28
CA ALA A 52 -18.75 -5.33 -8.97
C ALA A 52 -19.66 -5.18 -10.20
N LYS A 53 -19.39 -4.19 -11.05
CA LYS A 53 -20.21 -4.05 -12.26
C LYS A 53 -20.07 -5.26 -13.16
N ALA A 54 -18.86 -5.80 -13.29
CA ALA A 54 -18.62 -6.91 -14.20
C ALA A 54 -19.40 -8.18 -13.82
N ILE A 55 -19.56 -8.41 -12.52
CA ILE A 55 -20.11 -9.67 -12.03
C ILE A 55 -21.47 -9.54 -11.37
N GLN A 56 -22.05 -8.33 -11.37
CA GLN A 56 -23.29 -8.12 -10.60
C GLN A 56 -24.41 -9.14 -10.88
N ASP A 57 -24.61 -9.44 -12.16
CA ASP A 57 -25.67 -10.35 -12.60
C ASP A 57 -25.46 -11.80 -12.11
N ASP A 58 -24.24 -12.11 -11.66
CA ASP A 58 -23.91 -13.49 -11.35
C ASP A 58 -23.79 -13.76 -9.85
N VAL A 59 -24.11 -12.76 -9.04
CA VAL A 59 -23.95 -12.86 -7.58
C VAL A 59 -25.21 -12.30 -6.95
N ASP A 60 -25.41 -12.59 -5.66
CA ASP A 60 -26.67 -12.18 -5.00
C ASP A 60 -26.45 -11.00 -4.06
N GLY A 61 -25.19 -10.58 -3.95
CA GLY A 61 -24.87 -9.47 -3.07
C GLY A 61 -23.39 -9.18 -3.02
N PHE A 62 -23.07 -8.05 -2.38
CA PHE A 62 -21.66 -7.70 -2.15
C PHE A 62 -21.39 -7.60 -0.68
N CYS A 63 -20.14 -7.89 -0.28
CA CYS A 63 -19.66 -7.66 1.08
C CYS A 63 -18.48 -6.70 1.04
N VAL A 64 -18.52 -5.69 1.92
CA VAL A 64 -17.43 -4.71 2.05
C VAL A 64 -17.04 -4.61 3.51
N SER A 65 -16.00 -3.83 3.78
CA SER A 65 -15.49 -3.78 5.13
C SER A 65 -16.06 -2.60 5.88
N ASN A 66 -16.48 -1.52 5.18
CA ASN A 66 -17.03 -0.35 5.87
C ASN A 66 -18.08 0.41 5.01
N ILE A 67 -18.77 1.36 5.62
CA ILE A 67 -19.85 2.09 4.95
C ILE A 67 -19.34 2.85 3.72
N ASP A 68 -18.14 3.40 3.81
CA ASP A 68 -17.58 4.20 2.71
C ASP A 68 -17.34 3.37 1.45
N GLU A 69 -16.87 2.13 1.62
CA GLU A 69 -16.79 1.19 0.48
C GLU A 69 -18.19 0.87 -0.06
N ALA A 70 -19.18 0.74 0.82
CA ALA A 70 -20.56 0.54 0.38
C ALA A 70 -21.07 1.73 -0.43
N ILE A 71 -20.80 2.94 0.05
CA ILE A 71 -21.25 4.16 -0.66
C ILE A 71 -20.59 4.22 -2.04
N GLU A 72 -19.32 3.83 -2.12
CA GLU A 72 -18.61 3.88 -3.40
C GLU A 72 -19.31 2.98 -4.46
N LEU A 73 -19.70 1.77 -4.05
CA LEU A 73 -20.51 0.90 -4.92
C LEU A 73 -21.84 1.55 -5.30
N ARG A 74 -22.58 2.07 -4.33
CA ARG A 74 -23.89 2.67 -4.68
C ARG A 74 -23.77 3.84 -5.61
N GLN A 75 -22.79 4.70 -5.36
CA GLN A 75 -22.60 5.91 -6.17
C GLN A 75 -22.22 5.53 -7.62
N ALA A 76 -21.68 4.33 -7.81
CA ALA A 76 -21.38 3.87 -9.15
C ALA A 76 -22.57 3.10 -9.75
N GLY A 77 -23.68 3.05 -9.02
CA GLY A 77 -24.92 2.51 -9.55
C GLY A 77 -25.17 1.03 -9.32
N LEU A 78 -24.37 0.38 -8.45
CA LEU A 78 -24.65 -1.00 -8.10
C LEU A 78 -25.91 -1.02 -7.27
N SER A 79 -26.78 -1.97 -7.56
CA SER A 79 -28.09 -2.04 -6.92
C SER A 79 -28.32 -3.26 -6.03
N LYS A 80 -27.42 -4.26 -6.07
CA LYS A 80 -27.62 -5.48 -5.28
C LYS A 80 -27.41 -5.14 -3.79
N PRO A 81 -27.90 -5.99 -2.86
CA PRO A 81 -27.67 -5.78 -1.44
C PRO A 81 -26.19 -5.72 -1.10
N ILE A 82 -25.83 -4.84 -0.16
CA ILE A 82 -24.44 -4.73 0.28
C ILE A 82 -24.37 -4.95 1.79
N LEU A 83 -23.59 -5.95 2.20
CA LEU A 83 -23.36 -6.24 3.61
C LEU A 83 -22.03 -5.65 4.03
N ILE A 84 -22.06 -4.87 5.10
CA ILE A 84 -20.85 -4.34 5.71
C ILE A 84 -20.42 -5.33 6.78
N LEU A 85 -19.23 -5.90 6.62
CA LEU A 85 -18.76 -7.03 7.43
C LEU A 85 -18.28 -6.65 8.85
N GLY A 86 -17.72 -5.43 9.00
CA GLY A 86 -17.14 -5.02 10.29
C GLY A 86 -18.12 -4.18 11.06
N VAL A 87 -17.70 -3.72 12.25
CA VAL A 87 -18.54 -2.86 13.07
C VAL A 87 -18.59 -1.48 12.43
N SER A 88 -19.79 -0.89 12.37
CA SER A 88 -19.96 0.46 11.82
C SER A 88 -20.06 1.48 12.96
N GLU A 89 -19.64 2.71 12.68
CA GLU A 89 -19.76 3.79 13.66
C GLU A 89 -21.21 4.09 13.86
N ILE A 90 -21.55 4.45 15.10
CA ILE A 90 -22.90 4.82 15.47
C ILE A 90 -23.42 6.01 14.64
N GLU A 91 -22.53 6.96 14.39
CA GLU A 91 -22.83 8.20 13.69
C GLU A 91 -23.09 7.98 12.19
N ALA A 92 -22.91 6.75 11.73
CA ALA A 92 -22.96 6.49 10.30
C ALA A 92 -24.18 5.64 9.96
N VAL A 93 -24.87 5.16 10.98
CA VAL A 93 -25.99 4.25 10.80
C VAL A 93 -27.18 4.92 10.09
N ALA A 94 -27.45 6.19 10.41
CA ALA A 94 -28.55 6.91 9.73
C ALA A 94 -28.28 6.97 8.22
N LEU A 95 -27.03 7.22 7.85
CA LEU A 95 -26.62 7.25 6.44
C LEU A 95 -26.80 5.89 5.76
N ALA A 96 -26.36 4.83 6.43
CA ALA A 96 -26.57 3.46 6.00
C ALA A 96 -28.02 3.09 5.78
N LYS A 97 -28.90 3.54 6.66
CA LYS A 97 -30.32 3.29 6.52
C LYS A 97 -30.85 3.94 5.21
N GLU A 98 -30.45 5.18 4.95
CA GLU A 98 -30.88 5.88 3.71
C GLU A 98 -30.43 5.19 2.42
N TYR A 99 -29.26 4.57 2.46
CA TYR A 99 -28.72 3.83 1.34
C TYR A 99 -29.09 2.35 1.26
N ASP A 100 -29.85 1.88 2.26
CA ASP A 100 -30.21 0.46 2.42
C ASP A 100 -29.00 -0.50 2.43
N PHE A 101 -28.01 -0.17 3.25
CA PHE A 101 -26.93 -1.12 3.49
C PHE A 101 -27.36 -2.05 4.61
N THR A 102 -26.84 -3.27 4.55
CA THR A 102 -27.01 -4.21 5.62
C THR A 102 -25.78 -4.10 6.52
N LEU A 103 -26.04 -3.83 7.79
CA LEU A 103 -24.97 -3.66 8.76
C LEU A 103 -24.78 -4.90 9.63
N THR A 104 -23.53 -5.13 10.02
CA THR A 104 -23.19 -6.20 10.96
C THR A 104 -23.30 -5.67 12.36
N VAL A 105 -23.98 -6.42 13.23
CA VAL A 105 -24.11 -6.06 14.63
C VAL A 105 -23.42 -7.15 15.46
N ALA A 106 -22.52 -6.75 16.34
CA ALA A 106 -21.60 -7.71 16.95
C ALA A 106 -21.52 -7.72 18.49
N GLY A 107 -22.02 -6.67 19.14
CA GLY A 107 -21.94 -6.54 20.60
C GLY A 107 -23.09 -5.75 21.18
N LEU A 108 -23.43 -6.05 22.44
CA LEU A 108 -24.45 -5.33 23.18
C LEU A 108 -24.08 -3.89 23.53
N GLU A 109 -22.80 -3.64 23.82
CA GLU A 109 -22.36 -2.29 24.17
C GLU A 109 -22.70 -1.35 23.00
N TRP A 110 -22.30 -1.78 21.81
CA TRP A 110 -22.59 -1.06 20.56
C TRP A 110 -24.06 -0.71 20.35
N ILE A 111 -24.94 -1.71 20.47
CA ILE A 111 -26.40 -1.52 20.34
C ILE A 111 -26.90 -0.47 21.34
N GLN A 112 -26.40 -0.56 22.57
CA GLN A 112 -26.81 0.35 23.63
C GLN A 112 -26.45 1.79 23.25
N ALA A 113 -25.21 2.00 22.82
CA ALA A 113 -24.76 3.32 22.36
C ALA A 113 -25.64 3.85 21.22
N LEU A 114 -25.99 2.97 20.28
CA LEU A 114 -26.86 3.33 19.18
C LEU A 114 -28.23 3.80 19.67
N LEU A 115 -28.81 3.08 20.62
CA LEU A 115 -30.11 3.46 21.19
C LEU A 115 -30.07 4.75 22.01
N ASP A 116 -28.92 5.04 22.64
CA ASP A 116 -28.72 6.28 23.42
C ASP A 116 -28.82 7.55 22.59
N LYS A 117 -28.16 7.54 21.42
CA LYS A 117 -28.51 8.45 20.34
C LYS A 117 -29.93 8.07 19.97
N GLU A 118 -30.85 9.00 19.93
CA GLU A 118 -32.23 8.58 19.70
C GLU A 118 -32.61 8.61 18.21
N VAL A 119 -31.75 8.00 17.39
CA VAL A 119 -31.94 7.96 15.93
C VAL A 119 -32.93 6.85 15.51
N ASP A 120 -33.82 7.18 14.57
CA ASP A 120 -34.84 6.25 14.07
C ASP A 120 -34.22 5.10 13.25
N LEU A 121 -34.36 3.88 13.78
CA LEU A 121 -33.75 2.67 13.21
C LEU A 121 -34.76 1.82 12.43
N THR A 122 -35.96 2.37 12.25
CA THR A 122 -37.08 1.67 11.62
C THR A 122 -36.73 1.30 10.17
N GLY A 123 -36.72 0.01 9.84
CA GLY A 123 -36.39 -0.45 8.48
C GLY A 123 -34.90 -0.70 8.18
N LEU A 124 -34.04 -0.41 9.15
CA LEU A 124 -32.61 -0.78 9.06
C LEU A 124 -32.51 -2.31 9.00
N THR A 125 -31.69 -2.81 8.09
CA THR A 125 -31.43 -4.26 7.95
C THR A 125 -30.04 -4.63 8.51
N VAL A 126 -30.01 -5.61 9.40
CA VAL A 126 -28.76 -6.03 10.02
C VAL A 126 -28.56 -7.55 9.96
N HIS A 127 -27.31 -7.97 10.07
CA HIS A 127 -26.97 -9.37 10.33
C HIS A 127 -26.24 -9.42 11.66
N LEU A 128 -26.53 -10.46 12.44
CA LEU A 128 -25.79 -10.64 13.69
C LEU A 128 -24.54 -11.48 13.45
N ILE A 130 -21.70 -13.92 14.87
CA ILE A 130 -21.38 -14.83 15.98
C ILE A 130 -19.86 -15.05 15.95
N ASP A 131 -19.19 -14.80 17.07
CA ASP A 131 -17.79 -15.19 17.21
C ASP A 131 -17.84 -16.63 17.69
N SER A 132 -17.40 -17.55 16.83
CA SER A 132 -17.41 -18.97 17.14
C SER A 132 -15.98 -19.50 17.36
N GLY A 133 -15.01 -18.60 17.42
CA GLY A 133 -13.61 -18.98 17.66
C GLY A 133 -12.62 -18.18 16.83
N MET A 134 -13.12 -17.22 16.05
CA MET A 134 -12.21 -16.30 15.35
C MET A 134 -11.69 -15.29 16.38
N GLY A 135 -12.48 -15.05 17.43
CA GLY A 135 -12.08 -14.16 18.52
C GLY A 135 -11.88 -12.71 18.10
N ARG A 136 -12.55 -12.32 17.01
CA ARG A 136 -12.36 -11.01 16.44
C ARG A 136 -13.51 -10.09 16.83
N ILE A 137 -14.67 -10.24 16.18
CA ILE A 137 -15.91 -9.60 16.62
C ILE A 137 -17.07 -10.61 16.68
N GLY A 138 -18.10 -10.29 17.46
CA GLY A 138 -19.36 -11.03 17.42
C GLY A 138 -19.79 -11.56 18.77
N PHE A 139 -21.05 -11.96 18.86
CA PHE A 139 -21.60 -12.53 20.09
C PHE A 139 -21.03 -13.91 20.37
N ARG A 140 -20.64 -14.16 21.61
CA ARG A 140 -20.04 -15.44 21.99
C ARG A 140 -21.02 -16.35 22.72
N GLU A 141 -22.07 -15.78 23.30
CA GLU A 141 -23.07 -16.54 24.08
C GLU A 141 -24.46 -16.57 23.45
N ALA A 142 -25.12 -17.72 23.51
CA ALA A 142 -26.47 -17.91 22.96
C ALA A 142 -27.49 -16.89 23.48
N SER A 143 -27.37 -16.52 24.75
CA SER A 143 -28.33 -15.59 25.36
C SER A 143 -28.01 -14.13 25.00
N GLU A 144 -26.73 -13.82 24.76
CA GLU A 144 -26.34 -12.49 24.27
C GLU A 144 -27.03 -12.19 22.94
N VAL A 145 -27.10 -13.21 22.09
CA VAL A 145 -27.61 -13.08 20.72
C VAL A 145 -29.11 -12.80 20.71
N GLU A 146 -29.82 -13.51 21.57
CA GLU A 146 -31.29 -13.35 21.60
C GLU A 146 -31.72 -12.05 22.27
N GLN A 147 -30.92 -11.56 23.22
CA GLN A 147 -31.14 -10.25 23.81
C GLN A 147 -30.97 -9.18 22.72
N ALA A 148 -29.91 -9.33 21.92
CA ALA A 148 -29.64 -8.42 20.82
C ALA A 148 -30.79 -8.41 19.82
N GLN A 149 -31.14 -9.58 19.31
CA GLN A 149 -32.21 -9.74 18.31
C GLN A 149 -33.52 -9.13 18.82
N ASP A 150 -33.74 -9.27 20.12
CA ASP A 150 -34.93 -8.74 20.75
C ASP A 150 -34.88 -7.21 20.82
N LEU A 151 -33.76 -6.65 21.30
CA LEU A 151 -33.62 -5.19 21.39
C LEU A 151 -33.78 -4.52 20.03
N LEU A 152 -33.22 -5.12 18.99
CA LEU A 152 -33.27 -4.57 17.64
C LEU A 152 -34.68 -4.60 17.06
N GLN A 153 -35.34 -5.75 17.15
CA GLN A 153 -36.73 -5.88 16.70
C GLN A 153 -37.70 -4.90 17.36
N GLN A 154 -37.48 -4.60 18.64
CA GLN A 154 -38.31 -3.64 19.38
C GLN A 154 -38.21 -2.20 18.86
N HIS A 155 -37.12 -1.89 18.17
CA HIS A 155 -36.91 -0.55 17.59
C HIS A 155 -37.10 -0.51 16.07
N GLY A 156 -37.76 -1.55 15.54
CA GLY A 156 -38.10 -1.63 14.12
C GLY A 156 -37.00 -2.08 13.18
N VAL A 157 -35.90 -2.59 13.73
CA VAL A 157 -34.80 -3.16 12.93
C VAL A 157 -35.21 -4.53 12.38
N CYS A 158 -34.89 -4.77 11.12
CA CYS A 158 -35.13 -6.07 10.50
C CYS A 158 -33.85 -6.94 10.55
N VAL A 159 -33.88 -7.99 11.37
CA VAL A 159 -32.75 -8.90 11.52
C VAL A 159 -32.81 -10.01 10.46
N GLU A 160 -32.20 -9.76 9.31
CA GLU A 160 -32.35 -10.63 8.15
C GLU A 160 -31.38 -11.84 8.15
N GLY A 161 -30.26 -11.73 8.86
CA GLY A 161 -29.24 -12.75 8.75
C GLY A 161 -28.40 -12.97 9.99
N ILE A 162 -27.57 -14.01 9.94
CA ILE A 162 -26.72 -14.34 11.07
C ILE A 162 -25.53 -15.05 10.47
N PHE A 163 -24.33 -14.71 10.94
CA PHE A 163 -23.16 -15.33 10.38
C PHE A 163 -22.06 -15.46 11.35
N THR A 164 -21.15 -16.37 11.01
CA THR A 164 -19.89 -16.52 11.66
C THR A 164 -18.78 -16.62 10.61
N HIS A 165 -17.54 -16.65 11.09
CA HIS A 165 -16.36 -16.70 10.23
C HIS A 165 -15.33 -17.67 10.81
N PHE A 166 -14.68 -18.43 9.92
CA PHE A 166 -13.74 -19.48 10.34
C PHE A 166 -12.28 -19.05 10.27
N ALA A 167 -11.53 -19.39 11.31
CA ALA A 167 -10.12 -19.02 11.45
C ALA A 167 -9.16 -19.98 10.73
N THR A 168 -9.62 -21.20 10.47
CA THR A 168 -8.67 -22.23 10.02
C THR A 168 -9.24 -23.16 8.95
N ALA A 169 -10.13 -22.63 8.09
CA ALA A 169 -10.76 -23.42 7.03
C ALA A 169 -9.74 -23.86 5.97
N ASP A 170 -8.61 -23.17 5.92
CA ASP A 170 -7.60 -23.35 4.87
C ASP A 170 -6.40 -24.19 5.34
N GLU A 171 -6.57 -24.92 6.44
CA GLU A 171 -5.51 -25.78 6.97
C GLU A 171 -5.88 -27.26 6.82
N GLU A 172 -4.85 -28.09 6.81
CA GLU A 172 -4.96 -29.54 6.73
C GLU A 172 -5.79 -30.09 7.87
N SER A 173 -5.45 -29.67 9.09
CA SER A 173 -6.21 -30.08 10.28
C SER A 173 -7.60 -29.45 10.32
N ASP A 174 -8.59 -30.28 10.63
CA ASP A 174 -9.98 -29.89 10.73
C ASP A 174 -10.48 -29.68 12.17
N ASP A 175 -9.61 -29.92 13.16
CA ASP A 175 -10.04 -29.89 14.58
C ASP A 175 -10.65 -28.54 14.97
N TYR A 176 -9.91 -27.44 14.79
CA TYR A 176 -10.40 -26.12 15.15
C TYR A 176 -11.62 -25.73 14.30
N PHE A 177 -11.56 -26.01 13.00
CA PHE A 177 -12.70 -25.78 12.11
C PHE A 177 -13.97 -26.45 12.66
N ASN A 178 -13.91 -27.75 12.92
CA ASN A 178 -15.07 -28.46 13.49
C ASN A 178 -15.60 -27.92 14.81
N ALA A 179 -14.70 -27.54 15.72
CA ALA A 179 -15.16 -26.96 16.99
C ALA A 179 -15.96 -25.66 16.74
N GLN A 180 -15.46 -24.82 15.84
CA GLN A 180 -16.15 -23.58 15.47
C GLN A 180 -17.51 -23.87 14.88
N LEU A 181 -17.56 -24.80 13.94
CA LEU A 181 -18.80 -25.18 13.27
C LEU A 181 -19.85 -25.66 14.28
N GLU A 182 -19.44 -26.58 15.15
CA GLU A 182 -20.35 -27.11 16.17
C GLU A 182 -20.84 -26.03 17.14
N ARG A 183 -19.94 -25.14 17.54
CA ARG A 183 -20.28 -23.99 18.37
C ARG A 183 -21.36 -23.12 17.70
N PHE A 184 -21.15 -22.81 16.43
CA PHE A 184 -22.12 -22.05 15.64
C PHE A 184 -23.47 -22.76 15.60
N LYS A 185 -23.46 -24.05 15.24
CA LYS A 185 -24.70 -24.82 15.16
C LYS A 185 -25.42 -24.88 16.51
N THR A 186 -24.65 -25.00 17.59
CA THR A 186 -25.17 -25.02 18.98
C THR A 186 -25.83 -23.69 19.35
N ILE A 187 -25.22 -22.58 18.92
CA ILE A 187 -25.80 -21.26 19.09
C ILE A 187 -27.15 -21.18 18.36
N LEU A 188 -27.15 -21.51 17.06
CA LEU A 188 -28.38 -21.42 16.25
C LEU A 188 -29.53 -22.27 16.80
N ALA A 189 -29.19 -23.48 17.26
CA ALA A 189 -30.13 -24.41 17.86
C ALA A 189 -30.77 -23.86 19.15
N SER A 190 -30.04 -23.00 19.86
CA SER A 190 -30.51 -22.44 21.13
C SER A 190 -31.44 -21.22 20.97
N MET A 191 -31.59 -20.73 19.74
CA MET A 191 -32.42 -19.55 19.50
C MET A 191 -33.84 -19.99 19.20
N LYS A 192 -34.83 -19.23 19.69
CA LYS A 192 -36.23 -19.52 19.37
C LYS A 192 -36.60 -19.09 17.95
N GLU A 193 -35.87 -18.11 17.42
CA GLU A 193 -36.08 -17.63 16.06
C GLU A 193 -34.74 -17.33 15.37
N VAL A 194 -34.39 -18.21 14.44
CA VAL A 194 -33.15 -18.07 13.69
C VAL A 194 -33.42 -17.13 12.51
N PRO A 195 -32.57 -16.09 12.35
CA PRO A 195 -32.76 -15.18 11.19
C PRO A 195 -32.63 -15.95 9.88
N GLU A 196 -33.34 -15.48 8.87
CA GLU A 196 -33.57 -16.21 7.61
C GLU A 196 -32.30 -16.61 6.86
N LEU A 197 -31.36 -15.69 6.78
CA LEU A 197 -30.20 -15.89 5.92
C LEU A 197 -28.99 -16.28 6.77
N VAL A 198 -28.65 -17.58 6.76
CA VAL A 198 -27.53 -18.11 7.55
C VAL A 198 -26.33 -18.30 6.64
N HIS A 199 -25.18 -17.75 7.03
CA HIS A 199 -23.95 -17.92 6.24
C HIS A 199 -22.70 -18.01 7.12
N ALA A 200 -21.70 -18.73 6.64
CA ALA A 200 -20.55 -19.05 7.46
C ALA A 200 -19.32 -19.28 6.59
N SER A 201 -19.54 -19.49 5.29
CA SER A 201 -18.52 -20.05 4.41
C SER A 201 -17.78 -18.96 3.63
N ASN A 202 -16.49 -18.84 3.93
CA ASN A 202 -15.54 -18.09 3.12
C ASN A 202 -15.02 -18.95 1.95
N SER A 203 -14.04 -18.46 1.17
CA SER A 203 -13.45 -19.27 0.07
C SER A 203 -12.98 -20.66 0.50
N ALA A 204 -12.19 -20.70 1.58
CA ALA A 204 -11.59 -21.96 2.02
C ALA A 204 -12.67 -22.98 2.44
N THR A 205 -13.68 -22.49 3.14
CA THR A 205 -14.77 -23.33 3.59
C THR A 205 -15.53 -23.86 2.37
N THR A 206 -15.74 -22.96 1.39
CA THR A 206 -16.44 -23.30 0.15
C THR A 206 -15.67 -24.36 -0.63
N LEU A 207 -14.34 -24.24 -0.65
CA LEU A 207 -13.47 -25.14 -1.40
C LEU A 207 -13.31 -26.50 -0.76
N TRP A 208 -13.08 -26.53 0.56
CA TRP A 208 -12.63 -27.72 1.26
C TRP A 208 -13.65 -28.28 2.28
N HIS A 209 -14.73 -27.56 2.51
CA HIS A 209 -15.75 -28.00 3.47
C HIS A 209 -17.14 -27.73 2.92
N VAL A 210 -17.37 -28.20 1.69
CA VAL A 210 -18.61 -27.90 0.96
C VAL A 210 -19.85 -28.34 1.73
N GLU A 211 -19.75 -29.49 2.40
CA GLU A 211 -20.92 -30.06 3.06
C GLU A 211 -21.40 -29.20 4.24
N THR A 212 -20.61 -28.18 4.61
CA THR A 212 -20.93 -27.32 5.75
C THR A 212 -21.63 -26.01 5.38
N ILE A 213 -21.78 -25.75 4.07
CA ILE A 213 -22.42 -24.53 3.56
C ILE A 213 -23.88 -24.41 4.05
N PHE A 214 -24.26 -23.21 4.51
CA PHE A 214 -25.64 -22.94 4.92
C PHE A 214 -26.41 -22.33 3.74
N ASN A 215 -26.99 -21.14 3.89
CA ASN A 215 -27.77 -20.56 2.79
C ASN A 215 -26.91 -19.86 1.71
N ALA A 216 -25.70 -19.44 2.07
CA ALA A 216 -24.88 -18.59 1.20
C ALA A 216 -23.37 -18.73 1.43
N VAL A 217 -22.58 -18.46 0.39
CA VAL A 217 -21.12 -18.43 0.54
C VAL A 217 -20.64 -16.98 0.38
N ARG A 218 -19.57 -16.61 1.07
CA ARG A 218 -18.89 -15.32 0.89
C ARG A 218 -17.58 -15.56 0.13
N MET A 219 -17.57 -15.22 -1.15
CA MET A 219 -16.44 -15.55 -2.04
C MET A 219 -15.41 -14.41 -2.03
N GLY A 220 -14.20 -14.75 -1.61
CA GLY A 220 -13.14 -13.76 -1.55
C GLY A 220 -12.00 -14.17 -2.49
N ASP A 221 -10.91 -14.65 -1.89
CA ASP A 221 -9.65 -14.95 -2.60
C ASP A 221 -9.94 -15.78 -3.85
N ALA A 222 -10.83 -16.77 -3.73
CA ALA A 222 -11.04 -17.75 -4.79
C ALA A 222 -11.72 -17.08 -6.00
N MET A 223 -12.53 -16.07 -5.73
CA MET A 223 -13.14 -15.28 -6.78
C MET A 223 -12.05 -14.57 -7.60
N TYR A 224 -10.98 -14.10 -6.95
CA TYR A 224 -9.84 -13.48 -7.66
C TYR A 224 -8.86 -14.50 -8.22
N GLY A 225 -9.18 -15.77 -8.07
CA GLY A 225 -8.34 -16.84 -8.63
C GLY A 225 -7.13 -17.13 -7.75
N LEU A 226 -7.23 -16.83 -6.46
CA LEU A 226 -6.07 -16.97 -5.56
C LEU A 226 -6.39 -18.11 -4.59
N ASN A 227 -5.41 -18.96 -4.33
CA ASN A 227 -5.61 -20.10 -3.43
C ASN A 227 -5.57 -19.52 -2.01
N PRO A 228 -6.69 -19.64 -1.26
CA PRO A 228 -6.74 -19.11 0.10
C PRO A 228 -5.67 -19.67 1.02
N SER A 229 -5.26 -20.93 0.81
CA SER A 229 -4.22 -21.55 1.66
C SER A 229 -2.80 -21.27 1.19
N GLY A 230 -2.68 -20.47 0.13
CA GLY A 230 -1.39 -20.23 -0.53
C GLY A 230 -0.90 -21.50 -1.21
N ALA A 231 0.19 -22.08 -0.71
CA ALA A 231 0.77 -23.30 -1.29
C ALA A 231 0.44 -24.53 -0.43
N VAL A 232 -0.36 -24.35 0.61
CA VAL A 232 -0.57 -25.42 1.61
C VAL A 232 -1.48 -26.53 1.09
N LEU A 233 -2.65 -26.19 0.55
CA LEU A 233 -3.60 -27.18 0.06
C LEU A 233 -3.77 -27.11 -1.45
N ASP A 234 -3.99 -28.27 -2.06
CA ASP A 234 -4.40 -28.33 -3.45
C ASP A 234 -5.83 -27.85 -3.61
N LEU A 235 -6.07 -27.02 -4.63
CA LEU A 235 -7.42 -26.63 -5.00
C LEU A 235 -8.23 -27.85 -5.45
N PRO A 236 -9.54 -27.89 -5.12
CA PRO A 236 -10.37 -29.00 -5.62
C PRO A 236 -10.66 -28.91 -7.14
N TYR A 237 -10.47 -27.72 -7.71
CA TYR A 237 -10.70 -27.48 -9.15
C TYR A 237 -9.96 -26.21 -9.54
N ASP A 238 -9.86 -25.95 -10.84
CA ASP A 238 -8.99 -24.88 -11.34
C ASP A 238 -9.54 -23.50 -11.01
N LEU A 239 -8.65 -22.61 -10.60
CA LEU A 239 -8.99 -21.21 -10.44
C LEU A 239 -8.06 -20.43 -11.34
N ILE A 240 -8.54 -19.35 -11.94
CA ILE A 240 -7.74 -18.53 -12.83
C ILE A 240 -7.42 -17.18 -12.15
N PRO A 241 -6.12 -16.90 -11.90
CA PRO A 241 -5.78 -15.64 -11.25
C PRO A 241 -6.23 -14.44 -12.09
N ALA A 242 -6.85 -13.47 -11.45
CA ALA A 242 -7.40 -12.34 -12.18
C ALA A 242 -6.38 -11.22 -12.40
N LEU A 243 -5.39 -11.07 -11.50
CA LEU A 243 -4.45 -9.96 -11.60
C LEU A 243 -3.07 -10.33 -12.17
N THR A 244 -2.62 -9.53 -13.13
CA THR A 244 -1.30 -9.59 -13.72
C THR A 244 -0.69 -8.24 -13.40
N LEU A 245 0.61 -8.22 -13.12
CA LEU A 245 1.34 -6.98 -12.83
C LEU A 245 2.50 -6.85 -13.81
N GLU A 246 2.52 -5.78 -14.58
CA GLU A 246 3.63 -5.62 -15.52
C GLU A 246 4.20 -4.19 -15.60
N SER A 247 5.39 -4.09 -16.17
CA SER A 247 6.04 -2.80 -16.35
C SER A 247 6.94 -2.90 -17.59
N ALA A 248 7.98 -2.07 -17.70
CA ALA A 248 8.84 -2.09 -18.91
C ALA A 248 10.19 -1.53 -18.57
N LEU A 249 11.22 -1.84 -19.38
CA LEU A 249 12.55 -1.30 -19.12
C LEU A 249 12.60 0.17 -19.49
N VAL A 250 13.16 1.00 -18.63
CA VAL A 250 13.28 2.45 -18.90
C VAL A 250 14.72 2.90 -18.95
N HIS A 251 15.63 2.00 -18.57
CA HIS A 251 17.05 2.24 -18.69
C HIS A 251 17.74 0.87 -18.78
N VAL A 252 18.79 0.78 -19.61
CA VAL A 252 19.54 -0.45 -19.77
C VAL A 252 21.04 -0.12 -19.93
N LYS A 253 21.90 -0.78 -19.16
CA LYS A 253 23.34 -0.55 -19.30
C LYS A 253 24.07 -1.87 -19.14
N THR A 254 25.38 -1.88 -19.45
CA THR A 254 26.23 -3.02 -19.21
C THR A 254 27.24 -2.52 -18.18
N VAL A 255 27.48 -3.27 -17.10
CA VAL A 255 28.46 -2.84 -16.08
C VAL A 255 29.56 -3.89 -15.97
N PRO A 256 30.82 -3.46 -15.72
CA PRO A 256 31.86 -4.48 -15.51
C PRO A 256 31.79 -5.09 -14.08
N ALA A 257 32.56 -6.12 -13.81
CA ALA A 257 32.68 -6.64 -12.45
C ALA A 257 33.11 -5.50 -11.51
N GLY A 258 32.56 -5.48 -10.30
CA GLY A 258 32.92 -4.46 -9.29
C GLY A 258 31.87 -3.38 -9.12
N ALA A 259 31.00 -3.19 -10.13
CA ALA A 259 29.97 -2.15 -10.08
C ALA A 259 28.88 -2.51 -9.04
N CYS A 260 28.45 -1.52 -8.26
CA CYS A 260 27.42 -1.71 -7.24
C CYS A 260 26.11 -1.03 -7.63
N MET A 261 25.00 -1.68 -7.27
CA MET A 261 23.63 -1.19 -7.52
C MET A 261 22.87 -0.96 -6.22
N GLY A 262 22.14 0.15 -6.19
CA GLY A 262 21.17 0.41 -5.15
C GLY A 262 21.73 1.02 -3.89
N TYR A 263 20.80 1.46 -3.05
CA TYR A 263 21.10 1.98 -1.73
C TYR A 263 21.91 0.93 -0.97
N GLY A 264 22.87 1.43 -0.20
CA GLY A 264 23.74 0.63 0.65
C GLY A 264 24.79 -0.11 -0.15
N ALA A 265 24.69 -0.07 -1.49
CA ALA A 265 25.66 -0.77 -2.35
C ALA A 265 25.72 -2.23 -1.95
N THR A 266 24.56 -2.83 -1.70
CA THR A 266 24.50 -4.20 -1.18
C THR A 266 24.63 -5.25 -2.31
N TYR A 267 24.61 -4.83 -3.55
CA TYR A 267 24.88 -5.78 -4.63
C TYR A 267 26.06 -5.30 -5.46
N GLN A 268 27.06 -6.15 -5.63
CA GLN A 268 28.22 -5.83 -6.44
C GLN A 268 28.36 -6.90 -7.53
N ALA A 269 28.24 -6.48 -8.79
CA ALA A 269 28.43 -7.38 -9.93
C ALA A 269 29.73 -8.14 -9.78
N ASP A 270 29.66 -9.47 -9.91
CA ASP A 270 30.87 -10.26 -9.83
C ASP A 270 31.34 -10.65 -11.22
N SER A 271 30.64 -10.12 -12.24
CA SER A 271 30.99 -10.35 -13.66
C SER A 271 30.33 -9.23 -14.48
N GLU A 272 30.86 -8.95 -15.67
CA GLU A 272 30.22 -8.05 -16.63
C GLU A 272 28.79 -8.51 -16.88
N GLN A 273 27.83 -7.59 -16.80
CA GLN A 273 26.46 -8.01 -16.88
C GLN A 273 25.56 -6.83 -17.25
N VAL A 274 24.39 -7.18 -17.74
CA VAL A 274 23.43 -6.20 -18.16
C VAL A 274 22.48 -5.91 -17.02
N ILE A 275 22.31 -4.63 -16.73
CA ILE A 275 21.44 -4.19 -15.65
C ILE A 275 20.41 -3.27 -16.26
N ALA A 276 19.12 -3.56 -16.02
CA ALA A 276 18.05 -2.70 -16.48
C ALA A 276 17.31 -2.11 -15.26
N THR A 277 16.59 -1.01 -15.47
CA THR A 277 15.82 -0.32 -14.43
C THR A 277 14.37 -0.32 -14.85
N VAL A 278 13.51 -0.62 -13.89
CA VAL A 278 12.09 -0.77 -14.13
C VAL A 278 11.40 0.22 -13.16
N PRO A 279 10.45 1.02 -13.66
CA PRO A 279 9.81 2.05 -12.83
C PRO A 279 8.67 1.50 -11.96
N ILE A 280 9.03 0.66 -11.00
CA ILE A 280 8.11 0.24 -9.93
C ILE A 280 8.97 0.12 -8.68
N GLY A 281 8.42 0.48 -7.52
CA GLY A 281 9.20 0.43 -6.28
C GLY A 281 8.29 0.22 -5.10
N TYR A 282 8.80 0.43 -3.89
CA TYR A 282 8.01 0.12 -2.71
C TYR A 282 6.82 1.08 -2.52
N ALA A 283 6.83 2.27 -3.13
CA ALA A 283 5.63 3.14 -2.99
C ALA A 283 4.51 2.62 -3.86
N ASP A 284 4.84 1.68 -4.74
CA ASP A 284 3.80 0.99 -5.52
C ASP A 284 3.38 -0.28 -4.83
N GLY A 285 3.96 -0.57 -3.66
CA GLY A 285 3.65 -1.82 -2.96
C GLY A 285 4.51 -3.02 -3.41
N TRP A 286 5.54 -2.78 -4.21
CA TRP A 286 6.56 -3.79 -4.48
C TRP A 286 7.66 -3.58 -3.43
N THR A 287 7.51 -4.27 -2.30
CA THR A 287 8.21 -3.92 -1.09
C THR A 287 9.70 -4.27 -1.14
N ARG A 288 10.45 -3.71 -0.19
CA ARG A 288 11.88 -3.83 -0.20
C ARG A 288 12.32 -5.26 -0.01
N ASP A 289 11.47 -6.07 0.64
CA ASP A 289 11.81 -7.48 0.87
C ASP A 289 11.74 -8.30 -0.44
N MET A 290 11.42 -7.65 -1.57
CA MET A 290 11.49 -8.27 -2.92
C MET A 290 12.91 -8.32 -3.52
N GLN A 291 13.88 -7.65 -2.89
CA GLN A 291 15.27 -7.83 -3.31
C GLN A 291 15.66 -9.32 -3.46
N ASN A 292 16.34 -9.66 -4.59
CA ASN A 292 16.79 -11.04 -4.90
C ASN A 292 15.69 -11.99 -5.41
N PHE A 293 14.44 -11.52 -5.44
CA PHE A 293 13.36 -12.27 -6.11
C PHE A 293 13.48 -11.98 -7.60
N SER A 294 12.90 -12.80 -8.49
CA SER A 294 13.04 -12.53 -9.93
C SER A 294 11.74 -12.03 -10.56
N VAL A 295 11.87 -11.21 -11.61
CA VAL A 295 10.74 -10.89 -12.50
C VAL A 295 10.99 -11.67 -13.81
N LEU A 296 10.06 -11.57 -14.76
CA LEU A 296 10.21 -12.28 -16.04
C LEU A 296 10.38 -11.28 -17.16
N VAL A 297 11.33 -11.54 -18.04
CA VAL A 297 11.55 -10.73 -19.25
C VAL A 297 11.82 -11.73 -20.37
N ASP A 298 11.04 -11.67 -21.44
CA ASP A 298 11.22 -12.57 -22.59
C ASP A 298 11.31 -14.05 -22.14
N GLY A 299 10.40 -14.48 -21.27
CA GLY A 299 10.33 -15.88 -20.84
C GLY A 299 11.47 -16.36 -19.93
N GLN A 300 12.21 -15.41 -19.34
CA GLN A 300 13.39 -15.73 -18.53
C GLN A 300 13.34 -15.03 -17.17
N ALA A 301 13.80 -15.72 -16.14
CA ALA A 301 13.89 -15.14 -14.79
C ALA A 301 15.07 -14.17 -14.69
N CYS A 302 14.80 -12.95 -14.22
CA CYS A 302 15.81 -11.90 -14.10
C CYS A 302 15.71 -11.41 -12.65
N PRO A 303 16.78 -11.61 -11.85
CA PRO A 303 16.73 -11.22 -10.46
C PRO A 303 16.72 -9.71 -10.26
N ILE A 304 16.02 -9.28 -9.20
CA ILE A 304 16.07 -7.92 -8.68
C ILE A 304 17.37 -7.82 -7.86
N VAL A 305 18.30 -6.96 -8.27
CA VAL A 305 19.63 -6.88 -7.68
C VAL A 305 19.78 -5.54 -7.00
N GLY A 306 20.37 -5.52 -5.82
CA GLY A 306 20.36 -4.32 -5.02
C GLY A 306 19.02 -4.00 -4.40
N ARG A 307 19.03 -3.01 -3.52
CA ARG A 307 17.82 -2.61 -2.84
C ARG A 307 16.76 -2.07 -3.77
N VAL A 308 15.52 -2.33 -3.38
CA VAL A 308 14.39 -1.74 -4.00
C VAL A 308 14.33 -0.26 -3.57
N SER A 309 14.16 0.64 -4.53
CA SER A 309 13.99 2.10 -4.26
C SER A 309 12.49 2.41 -4.18
N MET A 310 12.13 3.64 -3.85
CA MET A 310 10.71 3.99 -3.66
C MET A 310 9.92 3.86 -4.97
N ASP A 311 10.59 4.15 -6.08
CA ASP A 311 9.91 4.20 -7.39
C ASP A 311 10.53 3.30 -8.44
N GLN A 312 11.65 2.61 -8.13
CA GLN A 312 12.46 1.93 -9.18
C GLN A 312 13.13 0.66 -8.65
N ILE A 313 13.32 -0.33 -9.52
CA ILE A 313 14.13 -1.50 -9.19
C ILE A 313 15.12 -1.70 -10.32
N THR A 314 16.25 -2.33 -10.02
CA THR A 314 17.23 -2.70 -11.01
C THR A 314 17.24 -4.22 -11.04
N ILE A 315 17.27 -4.76 -12.25
CA ILE A 315 17.23 -6.20 -12.49
C ILE A 315 18.39 -6.61 -13.41
N ARG A 316 18.86 -7.85 -13.29
CA ARG A 316 19.94 -8.33 -14.13
C ARG A 316 19.36 -9.10 -15.30
N LEU A 317 19.68 -8.66 -16.51
CA LEU A 317 19.20 -9.30 -17.75
C LEU A 317 20.21 -10.33 -18.26
N PRO A 318 19.75 -11.38 -18.94
CA PRO A 318 20.77 -12.30 -19.47
C PRO A 318 21.49 -11.77 -20.73
N LYS A 319 20.97 -10.73 -21.38
CA LYS A 319 21.65 -10.11 -22.55
C LYS A 319 20.97 -8.75 -22.73
N LEU A 320 21.43 -7.94 -23.68
CA LEU A 320 20.77 -6.63 -23.92
C LEU A 320 19.39 -6.81 -24.52
N TYR A 321 18.50 -5.93 -24.06
CA TYR A 321 17.16 -5.78 -24.57
C TYR A 321 16.92 -4.27 -24.73
N PRO A 322 16.08 -3.89 -25.71
CA PRO A 322 15.80 -2.44 -25.91
C PRO A 322 14.89 -1.83 -24.82
N LEU A 323 14.98 -0.52 -24.63
CA LEU A 323 14.00 0.20 -23.81
C LEU A 323 12.59 -0.17 -24.21
N GLY A 324 11.71 -0.31 -23.23
CA GLY A 324 10.30 -0.60 -23.51
C GLY A 324 9.98 -2.09 -23.49
N THR A 325 11.00 -2.94 -23.34
CA THR A 325 10.77 -4.39 -23.35
C THR A 325 9.89 -4.70 -22.12
N LYS A 326 8.88 -5.54 -22.28
CA LYS A 326 7.93 -5.85 -21.21
C LYS A 326 8.63 -6.60 -20.05
N VAL A 327 8.24 -6.23 -18.83
CA VAL A 327 8.63 -6.93 -17.61
C VAL A 327 7.34 -7.48 -17.00
N THR A 328 7.32 -8.77 -16.65
CA THR A 328 6.19 -9.35 -15.92
C THR A 328 6.60 -9.61 -14.47
N LEU A 329 5.90 -9.00 -13.52
CA LEU A 329 6.23 -9.20 -12.11
C LEU A 329 5.29 -10.25 -11.45
N ILE A 330 4.02 -10.26 -11.89
CA ILE A 330 3.01 -11.29 -11.52
C ILE A 330 2.28 -11.64 -12.82
N GLY A 331 2.23 -12.92 -13.19
CA GLY A 331 1.60 -13.29 -14.48
C GLY A 331 2.52 -14.17 -15.30
N SER A 332 2.09 -14.47 -16.54
CA SER A 332 2.76 -15.38 -17.46
C SER A 332 3.62 -14.60 -18.47
N ASN A 333 4.73 -15.20 -18.87
CA ASN A 333 5.61 -14.57 -19.82
C ASN A 333 6.41 -15.70 -20.47
N GLY A 334 6.12 -15.97 -21.73
CA GLY A 334 6.73 -17.11 -22.41
C GLY A 334 6.24 -18.36 -21.70
N ASP A 335 7.15 -19.29 -21.40
CA ASP A 335 6.79 -20.55 -20.73
C ASP A 335 6.76 -20.48 -19.20
N LYS A 336 7.02 -19.30 -18.62
CA LYS A 336 7.10 -19.15 -17.16
C LYS A 336 5.93 -18.34 -16.62
N GLU A 337 5.73 -18.43 -15.31
CA GLU A 337 4.70 -17.69 -14.62
C GLU A 337 5.15 -17.41 -13.20
N ILE A 338 4.74 -16.25 -12.69
CA ILE A 338 4.97 -15.90 -11.29
C ILE A 338 3.59 -15.65 -10.70
N THR A 339 3.26 -16.28 -9.56
CA THR A 339 1.92 -16.08 -8.96
C THR A 339 2.03 -15.17 -7.74
N ALA A 340 0.91 -14.57 -7.33
CA ALA A 340 0.91 -13.72 -6.15
C ALA A 340 1.25 -14.62 -4.95
N THR A 341 0.95 -15.92 -5.03
CA THR A 341 1.31 -16.86 -3.93
C THR A 341 2.83 -17.01 -3.81
N GLN A 342 3.48 -17.12 -4.97
CA GLN A 342 4.95 -17.20 -4.95
C GLN A 342 5.57 -15.92 -4.38
N VAL A 343 5.03 -14.79 -4.75
CA VAL A 343 5.49 -13.51 -4.21
C VAL A 343 5.31 -13.49 -2.69
N ALA A 344 4.11 -13.88 -2.23
CA ALA A 344 3.77 -13.95 -0.80
C ALA A 344 4.71 -14.85 0.03
N THR A 345 4.98 -16.04 -0.50
CA THR A 345 5.88 -17.01 0.12
C THR A 345 7.27 -16.37 0.25
N TYR A 346 7.74 -15.72 -0.80
CA TYR A 346 9.06 -15.04 -0.74
C TYR A 346 9.12 -14.03 0.38
N ARG A 347 8.03 -13.27 0.56
CA ARG A 347 7.99 -12.23 1.55
C ARG A 347 7.63 -12.74 2.92
N VAL A 348 7.25 -14.00 3.03
CA VAL A 348 6.73 -14.60 4.28
C VAL A 348 5.41 -13.86 4.64
N THR A 349 4.51 -13.75 3.64
CA THR A 349 3.17 -13.24 3.92
C THR A 349 2.18 -14.12 3.16
N ILE A 350 0.97 -13.61 2.94
CA ILE A 350 -0.05 -14.36 2.20
C ILE A 350 -0.46 -13.55 0.97
N ASN A 351 -1.05 -14.23 -0.02
CA ASN A 351 -1.32 -13.56 -1.28
C ASN A 351 -2.31 -12.40 -1.12
N TYR A 352 -3.22 -12.46 -0.15
CA TYR A 352 -4.15 -11.34 0.13
C TYR A 352 -3.39 -10.03 0.30
N GLU A 353 -2.28 -10.06 1.06
CA GLU A 353 -1.57 -8.85 1.38
C GLU A 353 -0.81 -8.36 0.15
N VAL A 354 -0.22 -9.28 -0.61
CA VAL A 354 0.46 -8.88 -1.85
C VAL A 354 -0.43 -8.01 -2.76
N VAL A 355 -1.61 -8.51 -3.13
CA VAL A 355 -2.51 -7.76 -4.02
C VAL A 355 -3.10 -6.49 -3.39
N CYS A 356 -3.43 -6.54 -2.09
CA CYS A 356 -3.96 -5.38 -1.32
C CYS A 356 -3.00 -4.22 -1.26
N LEU A 357 -1.69 -4.51 -1.21
CA LEU A 357 -0.67 -3.46 -1.10
C LEU A 357 -0.26 -2.85 -2.43
N LEU A 358 -0.75 -3.38 -3.54
CA LEU A 358 -0.37 -2.78 -4.81
C LEU A 358 -1.06 -1.41 -4.83
N SER A 359 -0.28 -0.32 -4.76
CA SER A 359 -0.89 0.98 -4.48
C SER A 359 -1.66 1.55 -5.70
N ASP A 360 -2.39 2.61 -5.46
CA ASP A 360 -3.20 3.22 -6.53
C ASP A 360 -2.36 3.99 -7.55
N ARG A 361 -1.07 4.15 -7.28
CA ARG A 361 -0.16 4.71 -8.29
C ARG A 361 -0.12 3.83 -9.56
N ILE A 362 -0.33 2.52 -9.37
CA ILE A 362 -0.52 1.56 -10.49
C ILE A 362 -1.92 1.62 -11.06
N PRO A 363 -2.08 2.08 -12.33
CA PRO A 363 -3.41 2.07 -12.90
C PRO A 363 -3.85 0.64 -13.10
N ARG A 364 -5.15 0.40 -12.94
CA ARG A 364 -5.74 -0.89 -13.29
C ARG A 364 -6.34 -0.77 -14.67
N GLU A 365 -6.10 -1.76 -15.54
CA GLU A 365 -6.78 -1.87 -16.82
C GLU A 365 -7.60 -3.17 -16.81
N TYR A 366 -8.79 -3.12 -17.40
CA TYR A 366 -9.77 -4.22 -17.27
C TYR A 366 -10.00 -4.89 -18.61
N TYR A 367 -9.80 -6.20 -18.62
CA TYR A 367 -9.92 -7.03 -19.83
C TYR A 367 -10.97 -8.08 -19.60
N MET B 1 -7.68 2.16 -3.05
CA MET B 1 -8.57 2.19 -1.88
C MET B 1 -9.10 3.58 -1.76
N LYS B 2 -10.37 3.66 -1.37
CA LYS B 2 -11.04 4.92 -1.19
C LYS B 2 -10.99 5.34 0.28
N ALA B 3 -10.62 6.59 0.50
CA ALA B 3 -10.68 7.25 1.79
C ALA B 3 -11.98 6.87 2.54
N SER B 4 -11.85 6.39 3.78
CA SER B 4 -12.99 6.02 4.60
C SER B 4 -13.23 6.98 5.78
N PRO B 5 -13.88 8.13 5.53
CA PRO B 5 -14.10 9.09 6.60
C PRO B 5 -15.11 8.63 7.68
N HIS B 6 -15.93 7.63 7.39
CA HIS B 6 -16.88 7.15 8.40
C HIS B 6 -16.32 6.05 9.32
N ARG B 7 -15.04 5.75 9.16
CA ARG B 7 -14.34 4.82 10.05
C ARG B 7 -13.39 5.68 10.89
N PRO B 8 -13.22 5.35 12.18
CA PRO B 8 -12.42 6.23 13.05
C PRO B 8 -10.89 6.21 12.82
N THR B 9 -10.40 5.44 11.86
CA THR B 9 -8.96 5.33 11.57
C THR B 9 -8.48 6.51 10.70
N LYS B 10 -7.47 7.23 11.17
CA LYS B 10 -7.03 8.41 10.44
C LYS B 10 -5.55 8.68 10.63
N ALA B 11 -4.97 9.36 9.66
CA ALA B 11 -3.61 9.85 9.70
C ALA B 11 -3.67 11.37 9.85
N LEU B 12 -2.96 11.89 10.85
CA LEU B 12 -2.91 13.34 11.10
C LEU B 12 -1.61 13.89 10.55
N ILE B 13 -1.67 14.97 9.77
CA ILE B 13 -0.42 15.49 9.22
C ILE B 13 -0.19 16.90 9.75
N HIS B 14 0.88 17.09 10.49
CA HIS B 14 1.25 18.41 11.03
C HIS B 14 2.06 19.17 9.97
N LEU B 15 1.38 20.03 9.23
CA LEU B 15 2.04 20.83 8.18
C LEU B 15 3.08 21.83 8.73
N GLY B 16 2.82 22.38 9.91
CA GLY B 16 3.80 23.25 10.55
C GLY B 16 5.12 22.53 10.79
N ALA B 17 5.04 21.24 11.11
CA ALA B 17 6.25 20.46 11.42
C ALA B 17 7.10 20.42 10.17
N ILE B 18 6.43 20.17 9.04
CA ILE B 18 7.12 20.15 7.77
C ILE B 18 7.80 21.51 7.47
N ARG B 19 7.06 22.59 7.68
CA ARG B 19 7.60 23.94 7.52
C ARG B 19 8.81 24.18 8.43
N GLN B 20 8.70 23.77 9.70
CA GLN B 20 9.78 23.97 10.67
C GLN B 20 11.02 23.19 10.25
N ASN B 21 10.79 21.96 9.78
CA ASN B 21 11.84 21.10 9.32
C ASN B 21 12.60 21.72 8.16
N ILE B 22 11.85 22.25 7.19
CA ILE B 22 12.47 22.97 6.08
C ILE B 22 13.31 24.18 6.59
N GLN B 23 12.76 24.91 7.58
CA GLN B 23 13.47 26.04 8.20
C GLN B 23 14.77 25.62 8.83
N GLN B 24 14.73 24.53 9.62
CA GLN B 24 15.93 24.09 10.30
C GLN B 24 16.98 23.59 9.30
N MET B 25 16.55 22.94 8.23
CA MET B 25 17.52 22.61 7.18
C MET B 25 18.08 23.86 6.49
N GLY B 26 17.21 24.82 6.21
CA GLY B 26 17.62 26.11 5.67
C GLY B 26 18.67 26.87 6.48
N ALA B 27 18.57 26.78 7.80
CA ALA B 27 19.44 27.50 8.71
C ALA B 27 20.86 26.92 8.68
N HIS B 28 20.99 25.71 8.14
CA HIS B 28 22.24 24.95 8.18
C HIS B 28 22.86 24.64 6.83
N ILE B 29 22.40 25.29 5.76
CA ILE B 29 23.01 25.16 4.44
C ILE B 29 23.46 26.54 3.97
N PRO B 30 24.38 26.61 2.99
CA PRO B 30 24.83 27.94 2.57
C PRO B 30 23.72 28.81 1.94
N GLN B 31 23.91 30.11 2.06
CA GLN B 31 22.98 31.16 1.67
C GLN B 31 22.26 31.06 0.33
N GLY B 32 23.01 30.93 -0.77
CA GLY B 32 22.32 30.86 -2.08
C GLY B 32 21.68 29.52 -2.46
N THR B 33 21.75 28.53 -1.56
CA THR B 33 21.37 27.16 -1.92
C THR B 33 19.86 27.01 -2.11
N LEU B 34 19.47 26.53 -3.30
CA LEU B 34 18.06 26.28 -3.62
C LEU B 34 17.52 25.07 -2.86
N LYS B 35 16.27 25.17 -2.42
CA LYS B 35 15.66 24.09 -1.68
C LYS B 35 14.57 23.44 -2.53
N LEU B 36 14.75 22.17 -2.87
CA LEU B 36 13.75 21.47 -3.70
C LEU B 36 13.07 20.45 -2.82
N ALA B 37 11.76 20.62 -2.63
CA ALA B 37 10.95 19.70 -1.82
C ALA B 37 10.60 18.45 -2.63
N VAL B 38 11.02 17.28 -2.15
CA VAL B 38 10.75 16.03 -2.87
C VAL B 38 9.40 15.54 -2.37
N VAL B 39 8.40 15.57 -3.24
CA VAL B 39 7.05 15.20 -2.83
C VAL B 39 6.52 14.04 -3.67
N ALA B 41 5.62 10.11 -4.62
CA ALA B 41 4.84 9.12 -3.88
C ALA B 41 3.85 9.79 -2.93
N ASN B 42 3.15 10.79 -3.44
CA ASN B 42 2.12 11.49 -2.70
C ASN B 42 2.75 12.08 -1.43
N ALA B 43 3.89 12.76 -1.62
CA ALA B 43 4.68 13.31 -0.49
C ALA B 43 4.92 12.23 0.53
N TYR B 44 5.48 11.10 0.08
CA TYR B 44 5.80 9.98 0.98
C TYR B 44 4.57 9.57 1.82
N GLY B 45 3.40 9.55 1.21
CA GLY B 45 2.18 9.18 1.93
C GLY B 45 1.55 10.29 2.77
N HIS B 46 2.15 11.49 2.80
CA HIS B 46 1.60 12.61 3.60
C HIS B 46 0.57 13.48 2.85
N GLY B 47 0.57 13.37 1.53
CA GLY B 47 -0.37 14.12 0.68
C GLY B 47 0.34 15.20 -0.12
N ALA B 48 0.70 14.87 -1.36
CA ALA B 48 1.55 15.78 -2.16
C ALA B 48 0.96 17.19 -2.33
N VAL B 49 -0.34 17.28 -2.68
CA VAL B 49 -0.99 18.57 -2.94
C VAL B 49 -1.05 19.41 -1.66
N ALA B 50 -1.57 18.82 -0.59
CA ALA B 50 -1.71 19.58 0.67
C ALA B 50 -0.36 20.02 1.24
N VAL B 51 0.62 19.15 1.13
CA VAL B 51 1.96 19.48 1.58
C VAL B 51 2.58 20.57 0.68
N ALA B 52 2.51 20.40 -0.64
CA ALA B 52 3.06 21.39 -1.56
C ALA B 52 2.46 22.79 -1.34
N LYS B 53 1.15 22.88 -1.14
CA LYS B 53 0.49 24.16 -0.91
C LYS B 53 0.98 24.79 0.40
N ALA B 54 1.06 23.99 1.45
CA ALA B 54 1.55 24.48 2.79
C ALA B 54 2.95 25.10 2.76
N ILE B 55 3.82 24.55 1.92
CA ILE B 55 5.25 24.91 2.02
C ILE B 55 5.78 25.64 0.78
N GLN B 56 4.94 25.85 -0.24
CA GLN B 56 5.41 26.44 -1.50
C GLN B 56 6.25 27.73 -1.34
N ASP B 57 5.82 28.61 -0.44
CA ASP B 57 6.45 29.90 -0.30
C ASP B 57 7.82 29.78 0.38
N ASP B 58 8.17 28.58 0.84
CA ASP B 58 9.41 28.33 1.56
C ASP B 58 10.44 27.50 0.79
N VAL B 59 10.11 27.11 -0.44
CA VAL B 59 11.01 26.28 -1.25
C VAL B 59 11.22 26.91 -2.63
N ASP B 60 12.20 26.43 -3.37
CA ASP B 60 12.44 26.93 -4.73
C ASP B 60 11.81 26.07 -5.84
N GLY B 61 11.33 24.89 -5.48
CA GLY B 61 10.80 23.97 -6.47
C GLY B 61 10.44 22.66 -5.82
N PHE B 62 9.86 21.77 -6.60
CA PHE B 62 9.46 20.45 -6.16
C PHE B 62 10.16 19.38 -7.00
N CYS B 63 10.30 18.18 -6.44
CA CYS B 63 10.73 17.01 -7.19
C CYS B 63 9.67 15.94 -7.04
N VAL B 64 9.35 15.26 -8.14
CA VAL B 64 8.38 14.16 -8.15
C VAL B 64 9.02 12.99 -8.91
N SER B 65 8.36 11.84 -8.90
CA SER B 65 8.95 10.64 -9.52
C SER B 65 8.50 10.46 -10.97
N ASN B 66 7.33 11.00 -11.33
CA ASN B 66 6.79 10.81 -12.66
C ASN B 66 5.92 11.99 -13.07
N ILE B 67 5.61 12.09 -14.35
CA ILE B 67 4.94 13.28 -14.84
C ILE B 67 3.50 13.41 -14.28
N ASP B 68 2.84 12.28 -14.00
CA ASP B 68 1.50 12.31 -13.46
C ASP B 68 1.45 12.98 -12.08
N GLU B 69 2.49 12.77 -11.29
CA GLU B 69 2.62 13.42 -10.00
C GLU B 69 2.81 14.93 -10.21
N ALA B 70 3.56 15.32 -11.24
CA ALA B 70 3.72 16.74 -11.58
C ALA B 70 2.41 17.36 -12.06
N ILE B 71 1.71 16.64 -12.92
CA ILE B 71 0.44 17.10 -13.44
C ILE B 71 -0.55 17.35 -12.30
N GLU B 72 -0.61 16.43 -11.35
CA GLU B 72 -1.46 16.58 -10.17
C GLU B 72 -1.21 17.92 -9.46
N LEU B 73 0.05 18.24 -9.23
CA LEU B 73 0.45 19.53 -8.61
C LEU B 73 0.03 20.73 -9.45
N ARG B 74 0.24 20.65 -10.76
CA ARG B 74 -0.16 21.78 -11.62
C ARG B 74 -1.67 22.00 -11.63
N GLN B 75 -2.44 20.92 -11.66
CA GLN B 75 -3.89 21.04 -11.72
C GLN B 75 -4.38 21.67 -10.42
N ALA B 76 -3.68 21.42 -9.29
CA ALA B 76 -4.06 21.99 -7.99
C ALA B 76 -3.66 23.46 -7.81
N GLY B 77 -2.85 24.00 -8.73
CA GLY B 77 -2.47 25.41 -8.68
C GLY B 77 -1.03 25.74 -8.26
N LEU B 78 -0.24 24.71 -7.94
CA LEU B 78 1.18 24.90 -7.62
C LEU B 78 1.87 25.50 -8.85
N SER B 79 2.68 26.51 -8.62
CA SER B 79 3.26 27.27 -9.72
C SER B 79 4.81 27.22 -9.78
N LYS B 80 5.49 26.83 -8.70
CA LYS B 80 6.97 26.74 -8.73
C LYS B 80 7.50 25.59 -9.61
N PRO B 81 8.79 25.64 -10.00
CA PRO B 81 9.32 24.57 -10.89
C PRO B 81 9.17 23.16 -10.32
N ILE B 82 8.97 22.18 -11.21
CA ILE B 82 8.87 20.80 -10.82
C ILE B 82 9.85 20.00 -11.67
N LEU B 83 10.71 19.25 -10.99
CA LEU B 83 11.63 18.30 -11.61
C LEU B 83 11.08 16.87 -11.46
N ILE B 84 10.88 16.17 -12.58
CA ILE B 84 10.64 14.72 -12.59
C ILE B 84 12.00 14.01 -12.53
N LEU B 85 12.18 13.19 -11.49
CA LEU B 85 13.51 12.61 -11.13
C LEU B 85 13.86 11.31 -11.88
N GLY B 86 12.84 10.59 -12.34
CA GLY B 86 13.10 9.31 -13.03
C GLY B 86 12.94 9.46 -14.52
N VAL B 87 13.10 8.36 -15.26
CA VAL B 87 12.91 8.37 -16.70
C VAL B 87 11.45 8.56 -17.07
N SER B 88 11.20 9.42 -18.05
CA SER B 88 9.84 9.65 -18.56
C SER B 88 9.62 8.94 -19.88
N GLU B 89 8.36 8.66 -20.20
CA GLU B 89 7.99 8.10 -21.48
C GLU B 89 8.08 9.18 -22.57
N ILE B 90 8.58 8.76 -23.73
CA ILE B 90 8.65 9.59 -24.95
C ILE B 90 7.34 10.39 -25.14
N GLU B 91 6.22 9.73 -24.85
CA GLU B 91 4.91 10.34 -25.01
C GLU B 91 4.60 11.40 -23.91
N ALA B 92 5.62 12.05 -23.37
CA ALA B 92 5.46 13.05 -22.31
C ALA B 92 6.44 14.25 -22.42
N VAL B 93 7.24 14.26 -23.47
CA VAL B 93 7.94 15.46 -23.77
C VAL B 93 6.93 16.59 -24.08
N ALA B 94 5.92 16.28 -24.89
CA ALA B 94 4.92 17.30 -25.28
C ALA B 94 4.19 17.83 -24.04
N LEU B 95 3.86 16.96 -23.09
CA LEU B 95 3.20 17.39 -21.85
C LEU B 95 4.05 18.34 -21.00
N ALA B 96 5.35 18.05 -20.89
CA ALA B 96 6.27 18.88 -20.12
C ALA B 96 6.23 20.29 -20.62
N LYS B 97 6.20 20.46 -21.95
CA LYS B 97 6.14 21.80 -22.51
C LYS B 97 4.79 22.46 -22.25
N GLU B 98 3.71 21.66 -22.26
CA GLU B 98 2.37 22.20 -22.02
C GLU B 98 2.11 22.52 -20.53
N TYR B 99 2.66 21.73 -19.60
CA TYR B 99 2.39 21.95 -18.16
C TYR B 99 3.54 22.69 -17.49
N ASP B 100 4.67 22.81 -18.20
CA ASP B 100 5.84 23.50 -17.72
C ASP B 100 6.57 22.64 -16.62
N PHE B 101 7.11 21.47 -17.02
CA PHE B 101 7.89 20.57 -16.15
C PHE B 101 9.26 20.45 -16.70
N THR B 102 10.19 20.14 -15.82
CA THR B 102 11.55 19.80 -16.18
C THR B 102 11.74 18.30 -16.09
N LEU B 103 12.32 17.70 -17.13
CA LEU B 103 12.46 16.24 -17.17
C LEU B 103 13.91 15.84 -16.93
N THR B 104 14.09 14.67 -16.33
CA THR B 104 15.41 14.06 -16.21
C THR B 104 15.73 13.27 -17.46
N VAL B 105 16.92 13.47 -18.01
CA VAL B 105 17.41 12.67 -19.12
C VAL B 105 18.60 11.83 -18.61
N ALA B 106 18.59 10.53 -18.90
CA ALA B 106 19.53 9.63 -18.25
C ALA B 106 20.32 8.72 -19.18
N GLY B 107 19.93 8.63 -20.46
CA GLY B 107 20.62 7.73 -21.40
C GLY B 107 20.49 8.15 -22.85
N LEU B 108 21.44 7.69 -23.66
CA LEU B 108 21.49 7.99 -25.09
C LEU B 108 20.38 7.29 -25.86
N GLU B 109 20.18 6.01 -25.56
CA GLU B 109 19.12 5.25 -26.21
C GLU B 109 17.76 5.96 -26.09
N TRP B 110 17.45 6.49 -24.91
CA TRP B 110 16.21 7.24 -24.69
C TRP B 110 16.09 8.46 -25.61
N ILE B 111 17.15 9.25 -25.68
CA ILE B 111 17.18 10.42 -26.57
C ILE B 111 16.99 9.99 -28.01
N GLN B 112 17.70 8.94 -28.43
CA GLN B 112 17.61 8.47 -29.79
C GLN B 112 16.22 7.94 -30.15
N ALA B 113 15.51 7.37 -29.19
CA ALA B 113 14.12 6.95 -29.40
C ALA B 113 13.17 8.15 -29.59
N LEU B 114 13.41 9.20 -28.82
CA LEU B 114 12.67 10.45 -28.90
C LEU B 114 12.90 11.16 -30.26
N LEU B 115 14.15 11.16 -30.73
CA LEU B 115 14.48 11.74 -32.05
C LEU B 115 13.89 10.92 -33.19
N ASP B 116 13.93 9.59 -33.08
CA ASP B 116 13.38 8.72 -34.11
C ASP B 116 11.88 8.94 -34.30
N LYS B 117 11.16 9.07 -33.18
CA LYS B 117 9.72 9.35 -33.20
C LYS B 117 9.42 10.74 -33.80
N GLU B 118 10.45 11.58 -33.86
CA GLU B 118 10.36 12.89 -34.49
C GLU B 118 9.44 13.85 -33.73
N VAL B 119 9.56 13.87 -32.40
CA VAL B 119 8.84 14.84 -31.56
C VAL B 119 9.58 16.17 -31.59
N ASP B 120 8.82 17.26 -31.57
CA ASP B 120 9.40 18.60 -31.43
C ASP B 120 9.92 18.79 -29.99
N LEU B 121 11.18 19.20 -29.85
CA LEU B 121 11.81 19.32 -28.53
C LEU B 121 12.12 20.76 -28.11
N THR B 122 11.67 21.72 -28.90
CA THR B 122 12.16 23.11 -28.79
C THR B 122 12.01 23.79 -27.41
N GLY B 123 10.81 23.82 -26.85
CA GLY B 123 10.65 24.42 -25.51
C GLY B 123 11.23 23.65 -24.31
N LEU B 124 11.72 22.43 -24.53
CA LEU B 124 11.93 21.49 -23.41
C LEU B 124 13.08 21.88 -22.48
N THR B 125 12.85 21.78 -21.18
CA THR B 125 13.92 21.95 -20.19
C THR B 125 14.21 20.59 -19.54
N VAL B 126 15.49 20.27 -19.36
CA VAL B 126 15.90 19.00 -18.78
C VAL B 126 17.05 19.15 -17.79
N HIS B 127 17.17 18.19 -16.88
CA HIS B 127 18.43 17.98 -16.18
C HIS B 127 19.03 16.67 -16.66
N LEU B 128 20.35 16.63 -16.75
CA LEU B 128 21.04 15.39 -17.05
C LEU B 128 21.32 14.65 -15.75
N ILE B 130 23.55 11.98 -13.78
CA ILE B 130 24.82 11.24 -13.72
C ILE B 130 24.71 10.08 -12.69
N ASP B 131 25.06 8.87 -13.13
CA ASP B 131 25.20 7.70 -12.23
C ASP B 131 26.65 7.67 -11.78
N SER B 132 26.87 8.11 -10.55
CA SER B 132 28.22 8.16 -9.99
C SER B 132 28.50 6.95 -9.11
N GLY B 133 27.59 5.99 -9.09
CA GLY B 133 27.79 4.76 -8.32
C GLY B 133 26.55 4.18 -7.65
N MET B 134 25.39 4.84 -7.78
CA MET B 134 24.16 4.29 -7.27
C MET B 134 23.72 3.15 -8.23
N GLY B 135 24.24 3.15 -9.46
CA GLY B 135 23.96 2.07 -10.45
C GLY B 135 22.50 1.97 -10.88
N ARG B 136 21.76 3.05 -10.69
CA ARG B 136 20.31 2.99 -10.92
C ARG B 136 19.95 3.56 -12.31
N ILE B 137 19.90 4.88 -12.46
CA ILE B 137 19.87 5.53 -13.78
C ILE B 137 20.95 6.60 -13.90
N GLY B 138 21.31 6.91 -15.15
CA GLY B 138 22.15 8.05 -15.47
C GLY B 138 23.39 7.74 -16.31
N PHE B 139 24.02 8.79 -16.85
CA PHE B 139 25.23 8.63 -17.63
C PHE B 139 26.32 8.23 -16.68
N ARG B 140 27.13 7.26 -17.07
CA ARG B 140 28.17 6.71 -16.21
C ARG B 140 29.56 7.20 -16.61
N GLU B 141 29.70 7.73 -17.82
CA GLU B 141 30.99 8.25 -18.31
C GLU B 141 30.90 9.65 -18.90
N ALA B 142 31.97 10.42 -18.75
CA ALA B 142 32.04 11.81 -19.22
C ALA B 142 31.70 11.94 -20.69
N SER B 143 32.24 11.06 -21.53
CA SER B 143 32.01 11.10 -22.96
C SER B 143 30.53 10.91 -23.31
N GLU B 144 29.84 10.04 -22.58
CA GLU B 144 28.39 9.81 -22.78
C GLU B 144 27.60 11.07 -22.48
N VAL B 145 27.98 11.77 -21.41
CA VAL B 145 27.27 12.99 -21.00
C VAL B 145 27.35 14.06 -22.10
N GLU B 146 28.56 14.28 -22.60
CA GLU B 146 28.79 15.32 -23.59
C GLU B 146 28.14 15.04 -24.93
N GLN B 147 28.14 13.78 -25.34
CA GLN B 147 27.47 13.38 -26.57
C GLN B 147 25.99 13.67 -26.46
N ALA B 148 25.41 13.35 -25.31
CA ALA B 148 24.01 13.63 -25.00
C ALA B 148 23.71 15.13 -24.91
N GLN B 149 24.63 15.87 -24.30
CA GLN B 149 24.48 17.31 -24.18
C GLN B 149 24.48 17.97 -25.57
N ASP B 150 25.44 17.59 -26.41
CA ASP B 150 25.53 18.06 -27.81
C ASP B 150 24.25 17.79 -28.58
N LEU B 151 23.77 16.55 -28.49
CA LEU B 151 22.63 16.10 -29.28
C LEU B 151 21.32 16.78 -28.84
N LEU B 152 21.20 17.06 -27.54
CA LEU B 152 19.98 17.72 -27.03
C LEU B 152 19.94 19.19 -27.43
N GLN B 153 21.05 19.89 -27.21
CA GLN B 153 21.10 21.32 -27.47
C GLN B 153 20.81 21.60 -28.94
N GLN B 154 21.31 20.70 -29.80
CA GLN B 154 21.17 20.89 -31.25
C GLN B 154 19.75 20.65 -31.76
N HIS B 155 18.92 19.98 -30.98
CA HIS B 155 17.50 19.88 -31.29
C HIS B 155 16.70 20.90 -30.47
N GLY B 156 17.41 21.89 -29.92
CA GLY B 156 16.81 23.03 -29.22
C GLY B 156 16.32 22.81 -27.79
N VAL B 157 16.77 21.74 -27.14
CA VAL B 157 16.44 21.49 -25.73
C VAL B 157 17.30 22.39 -24.84
N CYS B 158 16.70 22.97 -23.80
CA CYS B 158 17.48 23.71 -22.79
C CYS B 158 18.01 22.76 -21.69
N VAL B 159 19.32 22.55 -21.67
CA VAL B 159 19.91 21.68 -20.64
C VAL B 159 20.23 22.53 -19.41
N GLU B 160 19.32 22.55 -18.44
CA GLU B 160 19.40 23.49 -17.33
C GLU B 160 20.22 23.02 -16.16
N GLY B 161 20.21 21.72 -15.90
CA GLY B 161 20.84 21.22 -14.69
C GLY B 161 21.48 19.86 -14.87
N ILE B 162 22.18 19.43 -13.82
CA ILE B 162 22.85 18.15 -13.86
C ILE B 162 22.90 17.68 -12.42
N PHE B 163 22.57 16.41 -12.19
CA PHE B 163 22.59 15.89 -10.82
C PHE B 163 23.04 14.45 -10.69
N THR B 164 23.41 14.07 -9.48
CA THR B 164 23.65 12.66 -9.17
C THR B 164 22.92 12.34 -7.87
N HIS B 165 23.02 11.08 -7.46
CA HIS B 165 22.37 10.62 -6.27
C HIS B 165 23.26 9.63 -5.51
N PHE B 166 23.30 9.78 -4.18
CA PHE B 166 24.19 8.96 -3.32
C PHE B 166 23.49 7.74 -2.72
N ALA B 167 24.16 6.58 -2.77
CA ALA B 167 23.61 5.31 -2.24
C ALA B 167 23.84 5.13 -0.72
N THR B 168 24.84 5.84 -0.17
CA THR B 168 25.31 5.51 1.18
C THR B 168 25.52 6.74 2.08
N ALA B 169 24.81 7.85 1.79
CA ALA B 169 25.03 9.11 2.54
C ALA B 169 24.55 9.00 3.98
N ASP B 170 23.75 7.98 4.27
CA ASP B 170 23.17 7.78 5.58
C ASP B 170 23.87 6.68 6.43
N GLU B 171 25.07 6.29 6.02
CA GLU B 171 25.87 5.28 6.75
C GLU B 171 27.05 5.93 7.49
N GLU B 172 27.51 5.26 8.54
CA GLU B 172 28.65 5.71 9.33
C GLU B 172 29.91 5.86 8.46
N SER B 173 30.22 4.82 7.67
CA SER B 173 31.34 4.86 6.76
C SER B 173 31.07 5.88 5.63
N ASP B 174 32.11 6.63 5.28
CA ASP B 174 32.01 7.62 4.20
C ASP B 174 32.79 7.21 2.94
N ASP B 175 33.35 6.00 2.90
CA ASP B 175 34.16 5.56 1.75
C ASP B 175 33.41 5.54 0.40
N TYR B 176 32.26 4.86 0.36
CA TYR B 176 31.49 4.78 -0.88
C TYR B 176 30.98 6.16 -1.28
N PHE B 177 30.57 6.95 -0.29
CA PHE B 177 30.08 8.32 -0.56
C PHE B 177 31.17 9.19 -1.19
N ASN B 178 32.37 9.14 -0.61
CA ASN B 178 33.51 9.88 -1.13
C ASN B 178 33.87 9.50 -2.55
N ALA B 179 33.84 8.19 -2.83
CA ALA B 179 34.12 7.68 -4.16
C ALA B 179 33.10 8.23 -5.17
N GLN B 180 31.83 8.20 -4.80
CA GLN B 180 30.77 8.80 -5.65
C GLN B 180 30.93 10.31 -5.88
N LEU B 181 31.22 11.06 -4.81
CA LEU B 181 31.42 12.50 -4.89
C LEU B 181 32.55 12.81 -5.87
N GLU B 182 33.67 12.06 -5.78
CA GLU B 182 34.83 12.27 -6.65
C GLU B 182 34.60 11.92 -8.10
N ARG B 183 33.89 10.81 -8.31
CA ARG B 183 33.44 10.42 -9.63
C ARG B 183 32.61 11.54 -10.30
N PHE B 184 31.59 12.01 -9.58
CA PHE B 184 30.75 13.10 -10.06
C PHE B 184 31.57 14.37 -10.38
N LYS B 185 32.44 14.78 -9.47
CA LYS B 185 33.28 15.97 -9.70
C LYS B 185 34.21 15.84 -10.90
N THR B 186 34.84 14.68 -11.03
CA THR B 186 35.69 14.42 -12.19
C THR B 186 34.88 14.48 -13.50
N ILE B 187 33.67 13.95 -13.49
CA ILE B 187 32.83 13.99 -14.69
C ILE B 187 32.47 15.44 -15.03
N LEU B 188 32.02 16.21 -14.05
CA LEU B 188 31.78 17.66 -14.25
C LEU B 188 33.03 18.41 -14.75
N ALA B 189 34.20 18.10 -14.17
CA ALA B 189 35.46 18.77 -14.54
C ALA B 189 35.88 18.51 -15.98
N SER B 190 35.43 17.41 -16.57
CA SER B 190 35.84 17.11 -17.94
C SER B 190 34.89 17.68 -19.01
N MET B 191 33.73 18.19 -18.58
CA MET B 191 32.80 18.80 -19.52
C MET B 191 33.30 20.17 -19.97
N LYS B 192 33.11 20.48 -21.25
CA LYS B 192 33.50 21.78 -21.78
C LYS B 192 32.51 22.85 -21.32
N GLU B 193 31.26 22.43 -21.13
CA GLU B 193 30.24 23.33 -20.59
C GLU B 193 29.41 22.52 -19.58
N VAL B 194 29.36 23.00 -18.32
CA VAL B 194 28.59 22.35 -17.26
C VAL B 194 27.25 23.05 -17.09
N PRO B 195 26.14 22.30 -17.07
CA PRO B 195 24.83 22.96 -16.88
C PRO B 195 24.83 23.78 -15.60
N GLU B 196 24.06 24.87 -15.61
CA GLU B 196 24.10 25.93 -14.58
C GLU B 196 23.64 25.45 -13.18
N LEU B 197 22.67 24.56 -13.12
CA LEU B 197 22.18 24.08 -11.85
C LEU B 197 22.67 22.64 -11.53
N VAL B 198 23.62 22.57 -10.61
CA VAL B 198 24.28 21.31 -10.24
C VAL B 198 23.75 20.92 -8.87
N HIS B 199 23.28 19.68 -8.72
CA HIS B 199 22.80 19.22 -7.43
C HIS B 199 23.04 17.72 -7.20
N ALA B 200 23.25 17.35 -5.95
CA ALA B 200 23.56 15.97 -5.64
C ALA B 200 23.00 15.51 -4.30
N SER B 201 22.50 16.46 -3.50
CA SER B 201 22.29 16.21 -2.08
C SER B 201 20.86 15.85 -1.75
N ASN B 202 20.67 14.63 -1.27
CA ASN B 202 19.44 14.18 -0.63
C ASN B 202 19.44 14.66 0.83
N SER B 203 18.52 14.16 1.65
CA SER B 203 18.42 14.56 3.07
C SER B 203 19.70 14.23 3.78
N ALA B 204 20.16 12.98 3.65
CA ALA B 204 21.32 12.51 4.42
C ALA B 204 22.58 13.30 4.06
N THR B 205 22.73 13.62 2.77
CA THR B 205 23.86 14.43 2.33
C THR B 205 23.74 15.82 2.97
N THR B 206 22.52 16.37 2.97
CA THR B 206 22.26 17.66 3.63
C THR B 206 22.56 17.63 5.14
N LEU B 207 22.13 16.57 5.81
CA LEU B 207 22.33 16.48 7.27
C LEU B 207 23.76 16.16 7.70
N TRP B 208 24.45 15.27 6.99
CA TRP B 208 25.76 14.76 7.43
C TRP B 208 26.95 15.10 6.54
N HIS B 209 26.69 15.63 5.36
CA HIS B 209 27.78 16.02 4.47
C HIS B 209 27.49 17.40 3.91
N VAL B 210 27.13 18.31 4.82
CA VAL B 210 26.67 19.64 4.46
C VAL B 210 27.72 20.35 3.58
N GLU B 211 29.00 20.16 3.89
CA GLU B 211 30.07 20.83 3.14
C GLU B 211 30.19 20.40 1.66
N THR B 212 29.49 19.34 1.26
CA THR B 212 29.49 18.85 -0.14
C THR B 212 28.35 19.37 -1.05
N ILE B 213 27.50 20.25 -0.51
CA ILE B 213 26.34 20.75 -1.24
C ILE B 213 26.75 21.53 -2.49
N PHE B 214 26.04 21.34 -3.61
CA PHE B 214 26.31 22.13 -4.81
C PHE B 214 25.37 23.36 -4.86
N ASN B 215 24.50 23.50 -5.87
CA ASN B 215 23.61 24.67 -5.94
C ASN B 215 22.24 24.46 -5.31
N ALA B 216 21.83 23.20 -5.14
CA ALA B 216 20.55 22.90 -4.55
C ALA B 216 20.60 21.65 -3.68
N VAL B 217 19.61 21.52 -2.80
CA VAL B 217 19.34 20.28 -2.06
C VAL B 217 17.95 19.74 -2.41
N ARG B 218 17.83 18.40 -2.43
CA ARG B 218 16.58 17.70 -2.63
C ARG B 218 16.16 17.12 -1.29
N MET B 219 15.21 17.77 -0.62
CA MET B 219 14.83 17.41 0.75
C MET B 219 13.70 16.40 0.73
N GLY B 220 13.94 15.21 1.25
CA GLY B 220 12.88 14.21 1.32
C GLY B 220 12.49 13.89 2.74
N ASP B 221 12.93 12.72 3.20
CA ASP B 221 12.60 12.16 4.50
C ASP B 221 12.66 13.21 5.61
N ALA B 222 13.76 13.98 5.66
CA ALA B 222 13.92 15.02 6.67
C ALA B 222 12.82 16.11 6.73
N MET B 223 12.27 16.47 5.57
CA MET B 223 11.17 17.41 5.47
C MET B 223 10.00 16.87 6.30
N TYR B 224 9.73 15.56 6.20
CA TYR B 224 8.64 14.91 6.94
C TYR B 224 9.02 14.57 8.38
N GLY B 225 10.21 14.98 8.81
CA GLY B 225 10.67 14.77 10.18
C GLY B 225 11.12 13.35 10.45
N LEU B 226 11.48 12.63 9.41
CA LEU B 226 11.95 11.27 9.56
C LEU B 226 13.48 11.21 9.42
N ASN B 227 14.13 10.51 10.33
CA ASN B 227 15.57 10.30 10.24
C ASN B 227 15.87 9.37 9.05
N PRO B 228 16.60 9.88 8.04
CA PRO B 228 16.84 9.10 6.80
C PRO B 228 17.63 7.82 7.10
N SER B 229 18.42 7.85 8.16
CA SER B 229 19.22 6.69 8.57
C SER B 229 18.44 5.71 9.46
N GLY B 230 17.20 6.04 9.79
CA GLY B 230 16.43 5.25 10.75
C GLY B 230 17.01 5.46 12.14
N ALA B 231 17.45 4.38 12.78
CA ALA B 231 18.05 4.48 14.12
C ALA B 231 19.59 4.44 14.12
N VAL B 232 20.21 4.47 12.95
CA VAL B 232 21.68 4.33 12.84
C VAL B 232 22.47 5.60 13.24
N LEU B 233 22.07 6.77 12.71
CA LEU B 233 22.84 8.00 12.95
C LEU B 233 22.03 9.05 13.70
N ASP B 234 22.70 9.74 14.62
CA ASP B 234 22.12 10.89 15.33
C ASP B 234 21.99 12.09 14.41
N LEU B 235 20.80 12.70 14.42
CA LEU B 235 20.56 13.92 13.65
C LEU B 235 21.44 15.04 14.21
N PRO B 236 21.95 15.93 13.33
CA PRO B 236 22.73 17.07 13.77
C PRO B 236 21.88 18.16 14.43
N TYR B 237 20.55 18.06 14.32
CA TYR B 237 19.59 18.99 14.95
C TYR B 237 18.20 18.37 14.84
N ASP B 238 17.24 18.90 15.58
CA ASP B 238 15.97 18.23 15.78
C ASP B 238 15.08 18.30 14.53
N LEU B 239 14.37 17.22 14.28
CA LEU B 239 13.36 17.15 13.23
C LEU B 239 12.09 16.69 13.93
N ILE B 240 10.95 17.24 13.53
CA ILE B 240 9.65 16.95 14.12
C ILE B 240 8.86 16.10 13.12
N PRO B 241 8.42 14.89 13.55
CA PRO B 241 7.71 13.93 12.69
C PRO B 241 6.35 14.53 12.33
N ALA B 242 6.06 14.60 11.04
CA ALA B 242 4.83 15.22 10.59
C ALA B 242 3.63 14.30 10.78
N LEU B 243 3.82 12.98 10.61
CA LEU B 243 2.69 12.05 10.48
C LEU B 243 2.41 11.27 11.76
N THR B 244 1.13 11.27 12.12
CA THR B 244 0.59 10.56 13.26
C THR B 244 -0.51 9.65 12.71
N LEU B 245 -0.68 8.47 13.31
CA LEU B 245 -1.68 7.49 12.85
C LEU B 245 -2.51 7.01 14.04
N GLU B 246 -3.84 7.14 13.94
CA GLU B 246 -4.68 6.77 15.08
C GLU B 246 -5.98 6.08 14.68
N SER B 247 -6.61 5.42 15.64
CA SER B 247 -7.91 4.80 15.43
C SER B 247 -8.67 4.78 16.76
N ALA B 248 -9.68 3.92 16.88
CA ALA B 248 -10.50 3.81 18.10
C ALA B 248 -11.00 2.38 18.31
N LEU B 249 -11.37 2.01 19.53
CA LEU B 249 -11.93 0.68 19.79
C LEU B 249 -13.38 0.54 19.25
N VAL B 250 -13.64 -0.51 18.48
CA VAL B 250 -14.99 -0.78 17.94
C VAL B 250 -15.66 -2.04 18.52
N HIS B 251 -14.89 -2.81 19.28
CA HIS B 251 -15.38 -4.00 19.98
C HIS B 251 -14.47 -4.28 21.17
N VAL B 252 -15.06 -4.56 22.33
CA VAL B 252 -14.31 -4.90 23.54
C VAL B 252 -14.99 -6.10 24.21
N LYS B 253 -14.21 -7.14 24.50
CA LYS B 253 -14.72 -8.34 25.19
C LYS B 253 -13.74 -8.83 26.24
N THR B 254 -14.27 -9.52 27.25
CA THR B 254 -13.44 -10.29 28.16
C THR B 254 -13.48 -11.76 27.73
N VAL B 255 -12.31 -12.38 27.53
CA VAL B 255 -12.25 -13.78 27.11
C VAL B 255 -11.67 -14.67 28.20
N PRO B 256 -12.17 -15.92 28.31
CA PRO B 256 -11.60 -16.81 29.33
C PRO B 256 -10.29 -17.44 28.84
N ALA B 257 -9.53 -18.02 29.76
CA ALA B 257 -8.32 -18.76 29.43
C ALA B 257 -8.63 -19.78 28.34
N GLY B 258 -7.75 -19.91 27.36
CA GLY B 258 -7.96 -20.91 26.30
C GLY B 258 -8.50 -20.36 24.99
N ALA B 259 -9.24 -19.25 25.04
CA ALA B 259 -9.74 -18.59 23.82
C ALA B 259 -8.61 -18.20 22.85
N CYS B 260 -8.83 -18.46 21.56
CA CYS B 260 -7.87 -18.10 20.51
C CYS B 260 -8.36 -16.91 19.67
N MET B 261 -7.41 -16.08 19.23
CA MET B 261 -7.69 -14.90 18.43
C MET B 261 -7.05 -15.02 17.06
N GLY B 262 -7.81 -14.65 16.03
CA GLY B 262 -7.26 -14.46 14.70
C GLY B 262 -7.15 -15.71 13.82
N TYR B 263 -6.96 -15.49 12.52
CA TYR B 263 -6.60 -16.55 11.60
C TYR B 263 -5.47 -17.45 12.11
N GLY B 264 -5.63 -18.76 11.91
CA GLY B 264 -4.62 -19.70 12.32
C GLY B 264 -4.69 -20.02 13.81
N ALA B 265 -5.50 -19.27 14.55
CA ALA B 265 -5.59 -19.40 16.03
C ALA B 265 -4.19 -19.39 16.67
N THR B 266 -3.36 -18.42 16.27
CA THR B 266 -1.94 -18.42 16.61
C THR B 266 -1.69 -17.79 17.98
N TYR B 267 -2.74 -17.19 18.56
CA TYR B 267 -2.65 -16.61 19.89
C TYR B 267 -3.72 -17.22 20.74
N GLN B 268 -3.32 -17.65 21.94
CA GLN B 268 -4.22 -18.25 22.91
C GLN B 268 -4.07 -17.57 24.28
N ALA B 269 -5.17 -17.06 24.81
CA ALA B 269 -5.18 -16.41 26.11
C ALA B 269 -4.74 -17.42 27.17
N ASP B 270 -3.70 -17.12 27.94
CA ASP B 270 -3.35 -18.03 29.08
C ASP B 270 -4.12 -17.78 30.36
N SER B 271 -4.77 -16.62 30.45
CA SER B 271 -5.68 -16.29 31.56
C SER B 271 -6.86 -15.51 31.00
N GLU B 272 -7.77 -15.12 31.89
CA GLU B 272 -8.84 -14.20 31.55
C GLU B 272 -8.24 -12.84 31.18
N GLN B 273 -8.70 -12.25 30.08
CA GLN B 273 -8.12 -10.99 29.64
C GLN B 273 -9.06 -10.19 28.75
N VAL B 274 -8.71 -8.91 28.58
CA VAL B 274 -9.49 -8.00 27.74
C VAL B 274 -8.86 -7.90 26.34
N ILE B 275 -9.70 -8.16 25.34
CA ILE B 275 -9.31 -8.14 23.94
C ILE B 275 -10.22 -7.12 23.27
N ALA B 276 -9.61 -6.19 22.54
CA ALA B 276 -10.36 -5.17 21.83
C ALA B 276 -10.02 -5.22 20.35
N THR B 277 -10.99 -4.79 19.54
CA THR B 277 -10.86 -4.80 18.10
C THR B 277 -10.79 -3.36 17.56
N VAL B 278 -9.87 -3.13 16.64
CA VAL B 278 -9.52 -1.82 16.12
C VAL B 278 -9.66 -1.90 14.59
N PRO B 279 -10.38 -0.94 13.98
CA PRO B 279 -10.64 -1.08 12.54
C PRO B 279 -9.49 -0.54 11.68
N ILE B 280 -8.35 -1.21 11.74
CA ILE B 280 -7.26 -1.04 10.79
C ILE B 280 -6.67 -2.41 10.51
N GLY B 281 -6.17 -2.64 9.29
CA GLY B 281 -5.55 -3.91 8.96
C GLY B 281 -4.58 -3.78 7.80
N TYR B 282 -4.17 -4.91 7.22
CA TYR B 282 -3.13 -4.84 6.23
C TYR B 282 -3.52 -4.15 4.91
N ALA B 283 -4.82 -4.04 4.62
CA ALA B 283 -5.24 -3.29 3.41
C ALA B 283 -5.05 -1.79 3.62
N ASP B 284 -4.85 -1.40 4.88
CA ASP B 284 -4.52 -0.04 5.26
C ASP B 284 -3.02 0.19 5.32
N GLY B 285 -2.24 -0.86 5.08
CA GLY B 285 -0.81 -0.77 5.18
C GLY B 285 -0.27 -1.06 6.56
N TRP B 286 -1.12 -1.48 7.51
CA TRP B 286 -0.61 -2.03 8.79
C TRP B 286 -0.42 -3.54 8.57
N THR B 287 0.79 -3.90 8.18
CA THR B 287 1.04 -5.19 7.56
C THR B 287 1.01 -6.36 8.57
N ARG B 288 0.92 -7.57 8.06
CA ARG B 288 0.77 -8.74 8.93
C ARG B 288 1.92 -8.94 9.89
N ASP B 289 3.10 -8.45 9.51
CA ASP B 289 4.26 -8.56 10.40
C ASP B 289 4.23 -7.59 11.59
N MET B 290 3.16 -6.80 11.70
CA MET B 290 2.93 -6.00 12.92
C MET B 290 2.39 -6.82 14.12
N GLN B 291 2.05 -8.09 13.89
CA GLN B 291 1.61 -8.97 14.97
C GLN B 291 2.64 -8.93 16.08
N ASN B 292 2.18 -8.87 17.33
CA ASN B 292 3.00 -8.71 18.55
C ASN B 292 3.68 -7.38 18.75
N PHE B 293 3.49 -6.43 17.84
CA PHE B 293 3.96 -5.08 18.11
C PHE B 293 2.92 -4.40 18.98
N SER B 294 3.29 -3.41 19.79
CA SER B 294 2.28 -2.70 20.60
C SER B 294 1.76 -1.41 20.00
N VAL B 295 0.49 -1.11 20.29
CA VAL B 295 -0.08 0.22 20.09
C VAL B 295 -0.24 0.85 21.46
N LEU B 296 -0.66 2.12 21.49
CA LEU B 296 -0.85 2.80 22.78
C LEU B 296 -2.32 3.08 23.02
N VAL B 297 -2.78 2.73 24.23
CA VAL B 297 -4.09 3.10 24.71
C VAL B 297 -3.95 3.66 26.14
N ASP B 298 -4.39 4.91 26.31
CA ASP B 298 -4.39 5.56 27.61
C ASP B 298 -2.98 5.50 28.21
N GLY B 299 -1.99 5.85 27.40
CA GLY B 299 -0.60 5.86 27.86
C GLY B 299 0.03 4.50 28.16
N GLN B 300 -0.55 3.43 27.63
CA GLN B 300 -0.06 2.08 27.91
C GLN B 300 0.14 1.26 26.64
N ALA B 301 1.15 0.38 26.66
CA ALA B 301 1.43 -0.50 25.52
C ALA B 301 0.50 -1.71 25.50
N CYS B 302 -0.23 -1.87 24.41
CA CYS B 302 -1.18 -2.96 24.24
C CYS B 302 -0.74 -3.79 23.03
N PRO B 303 -0.46 -5.09 23.26
CA PRO B 303 0.07 -5.85 22.14
C PRO B 303 -1.00 -6.26 21.11
N ILE B 304 -0.64 -6.21 19.84
CA ILE B 304 -1.46 -6.79 18.78
C ILE B 304 -1.31 -8.31 18.92
N VAL B 305 -2.42 -8.96 19.25
CA VAL B 305 -2.42 -10.38 19.51
C VAL B 305 -3.19 -11.10 18.42
N GLY B 306 -2.66 -12.26 18.02
CA GLY B 306 -3.22 -12.96 16.87
C GLY B 306 -2.90 -12.25 15.57
N ARG B 307 -3.23 -12.89 14.45
CA ARG B 307 -2.90 -12.35 13.13
C ARG B 307 -3.65 -11.07 12.80
N VAL B 308 -2.97 -10.21 12.05
CA VAL B 308 -3.56 -9.00 11.50
C VAL B 308 -4.49 -9.44 10.36
N SER B 309 -5.74 -8.95 10.37
CA SER B 309 -6.68 -9.24 9.28
C SER B 309 -6.58 -8.12 8.25
N MET B 310 -7.34 -8.25 7.19
CA MET B 310 -7.30 -7.29 6.10
C MET B 310 -7.74 -5.89 6.58
N ASP B 311 -8.69 -5.85 7.52
CA ASP B 311 -9.33 -4.60 7.93
C ASP B 311 -9.32 -4.36 9.43
N GLN B 312 -8.82 -5.32 10.21
CA GLN B 312 -8.98 -5.32 11.67
C GLN B 312 -7.76 -5.94 12.35
N ILE B 313 -7.45 -5.42 13.54
CA ILE B 313 -6.51 -6.06 14.46
C ILE B 313 -7.21 -6.24 15.82
N THR B 314 -6.84 -7.30 16.55
CA THR B 314 -7.23 -7.47 17.96
C THR B 314 -6.02 -7.17 18.83
N ILE B 315 -6.24 -6.46 19.93
CA ILE B 315 -5.16 -6.06 20.84
C ILE B 315 -5.57 -6.45 22.26
N ARG B 316 -4.59 -6.63 23.14
CA ARG B 316 -4.86 -6.93 24.53
C ARG B 316 -4.75 -5.68 25.37
N LEU B 317 -5.84 -5.33 26.07
CA LEU B 317 -5.89 -4.19 26.98
C LEU B 317 -5.58 -4.60 28.43
N PRO B 318 -4.97 -3.68 29.23
CA PRO B 318 -4.70 -4.00 30.66
C PRO B 318 -5.98 -4.07 31.50
N LYS B 319 -7.04 -3.41 31.04
CA LYS B 319 -8.37 -3.48 31.68
C LYS B 319 -9.50 -3.13 30.68
N LEU B 320 -10.73 -3.12 31.17
CA LEU B 320 -11.87 -2.76 30.35
C LEU B 320 -11.86 -1.27 29.98
N TYR B 321 -12.09 -1.00 28.71
CA TYR B 321 -12.30 0.37 28.23
C TYR B 321 -13.59 0.45 27.42
N PRO B 322 -14.17 1.66 27.32
CA PRO B 322 -15.36 1.84 26.50
C PRO B 322 -15.08 1.78 24.99
N LEU B 323 -16.10 1.44 24.21
CA LEU B 323 -16.09 1.66 22.77
C LEU B 323 -15.73 3.10 22.51
N GLY B 324 -14.87 3.32 21.52
CA GLY B 324 -14.52 4.68 21.09
C GLY B 324 -13.26 5.22 21.70
N THR B 325 -12.65 4.48 22.62
CA THR B 325 -11.39 4.90 23.24
C THR B 325 -10.32 4.96 22.13
N LYS B 326 -9.55 6.05 22.13
CA LYS B 326 -8.50 6.31 21.15
C LYS B 326 -7.39 5.26 21.18
N VAL B 327 -6.97 4.83 20.00
CA VAL B 327 -5.82 3.96 19.82
C VAL B 327 -4.77 4.74 19.02
N THR B 328 -3.57 4.85 19.58
CA THR B 328 -2.47 5.50 18.88
C THR B 328 -1.54 4.43 18.34
N LEU B 329 -1.30 4.45 17.03
CA LEU B 329 -0.43 3.48 16.40
C LEU B 329 0.92 4.07 16.06
N ILE B 330 0.91 5.31 15.59
CA ILE B 330 2.12 6.11 15.45
C ILE B 330 1.78 7.46 16.07
N GLY B 331 2.56 7.89 17.05
CA GLY B 331 2.38 9.18 17.64
C GLY B 331 2.60 9.11 19.14
N SER B 332 2.17 10.15 19.84
CA SER B 332 2.34 10.08 21.28
C SER B 332 1.01 9.96 22.01
N ASN B 333 1.02 9.30 23.16
CA ASN B 333 -0.20 9.02 23.91
C ASN B 333 0.21 8.81 25.35
N GLY B 334 -0.31 9.67 26.23
CA GLY B 334 0.18 9.71 27.61
C GLY B 334 1.65 10.09 27.60
N ASP B 335 2.48 9.36 28.34
CA ASP B 335 3.93 9.62 28.37
C ASP B 335 4.73 8.79 27.35
N LYS B 336 4.02 8.07 26.48
CA LYS B 336 4.64 7.13 25.57
C LYS B 336 4.53 7.60 24.13
N GLU B 337 5.50 7.19 23.30
CA GLU B 337 5.48 7.54 21.88
C GLU B 337 5.87 6.34 21.01
N ILE B 338 5.25 6.20 19.83
CA ILE B 338 5.72 5.25 18.81
C ILE B 338 6.11 6.07 17.57
N THR B 339 7.32 5.85 17.03
CA THR B 339 7.74 6.57 15.83
C THR B 339 7.61 5.64 14.60
N ALA B 340 7.57 6.22 13.40
CA ALA B 340 7.55 5.41 12.18
C ALA B 340 8.85 4.60 12.06
N THR B 341 9.93 5.17 12.57
CA THR B 341 11.21 4.46 12.61
C THR B 341 11.16 3.18 13.45
N GLN B 342 10.54 3.28 14.63
CA GLN B 342 10.34 2.14 15.50
C GLN B 342 9.51 1.07 14.80
N VAL B 343 8.47 1.50 14.09
CA VAL B 343 7.65 0.60 13.28
C VAL B 343 8.48 -0.09 12.20
N ALA B 344 9.34 0.69 11.53
CA ALA B 344 10.13 0.13 10.40
C ALA B 344 11.12 -0.90 10.95
N THR B 345 11.75 -0.60 12.08
CA THR B 345 12.72 -1.48 12.73
C THR B 345 12.08 -2.82 13.07
N TYR B 346 10.92 -2.78 13.70
CA TYR B 346 10.17 -4.00 13.99
C TYR B 346 9.94 -4.84 12.73
N ARG B 347 9.54 -4.22 11.62
CA ARG B 347 9.24 -4.93 10.36
C ARG B 347 10.47 -5.33 9.57
N VAL B 348 11.64 -4.88 10.01
CA VAL B 348 12.89 -5.00 9.25
C VAL B 348 12.75 -4.27 7.89
N THR B 349 12.39 -2.98 7.95
CA THR B 349 12.35 -2.15 6.74
C THR B 349 12.77 -0.73 7.13
N ILE B 350 12.48 0.27 6.29
CA ILE B 350 12.89 1.64 6.62
C ILE B 350 11.62 2.52 6.73
N ASN B 351 11.75 3.64 7.45
CA ASN B 351 10.59 4.47 7.72
C ASN B 351 9.94 4.99 6.44
N TYR B 352 10.70 5.16 5.37
CA TYR B 352 10.14 5.54 4.06
C TYR B 352 9.04 4.60 3.62
N GLU B 353 9.27 3.29 3.79
CA GLU B 353 8.31 2.30 3.34
C GLU B 353 7.06 2.29 4.23
N VAL B 354 7.25 2.39 5.54
CA VAL B 354 6.11 2.47 6.45
C VAL B 354 5.08 3.56 6.07
N VAL B 355 5.58 4.80 5.88
CA VAL B 355 4.67 5.91 5.50
C VAL B 355 4.09 5.80 4.10
N CYS B 356 4.86 5.29 3.15
CA CYS B 356 4.36 5.11 1.76
C CYS B 356 3.28 4.05 1.69
N LEU B 357 3.35 3.04 2.56
CA LEU B 357 2.36 1.95 2.44
C LEU B 357 1.08 2.25 3.21
N LEU B 358 1.03 3.36 3.97
CA LEU B 358 -0.22 3.78 4.57
C LEU B 358 -1.25 4.08 3.47
N SER B 359 -2.24 3.20 3.34
CA SER B 359 -3.09 3.23 2.15
C SER B 359 -4.01 4.44 2.09
N ASP B 360 -4.51 4.78 0.90
CA ASP B 360 -5.44 5.88 0.78
C ASP B 360 -6.78 5.63 1.45
N ARG B 361 -7.03 4.39 1.90
CA ARG B 361 -8.24 4.11 2.70
C ARG B 361 -8.28 4.92 4.00
N ILE B 362 -7.11 5.30 4.50
CA ILE B 362 -7.02 6.10 5.71
C ILE B 362 -7.05 7.58 5.27
N PRO B 363 -8.09 8.34 5.69
CA PRO B 363 -8.12 9.77 5.38
C PRO B 363 -6.95 10.48 6.04
N ARG B 364 -6.43 11.51 5.37
CA ARG B 364 -5.41 12.38 5.95
C ARG B 364 -6.12 13.61 6.45
N GLU B 365 -5.79 14.04 7.68
CA GLU B 365 -6.30 15.28 8.24
C GLU B 365 -5.13 16.20 8.54
N TYR B 366 -5.31 17.48 8.23
CA TYR B 366 -4.21 18.43 8.25
C TYR B 366 -4.41 19.45 9.35
N TYR B 367 -3.32 19.77 10.04
CA TYR B 367 -3.31 20.88 10.98
C TYR B 367 -1.93 21.51 10.99
#